data_3NPC
#
_entry.id   3NPC
#
_cell.length_a   76.170
_cell.length_b   92.339
_cell.length_c   112.109
_cell.angle_alpha   90.00
_cell.angle_beta   90.00
_cell.angle_gamma   90.00
#
_symmetry.space_group_name_H-M   'P 21 21 21'
#
loop_
_entity.id
_entity.type
_entity.pdbx_description
1 polymer 'Mitogen-activated protein kinase 9'
2 non-polymer 1-(5-TERT-BUTYL-2-P-TOLYL-2H-PYRAZOL-3-YL)-3-[4-(2-MORPHOLIN-4-YL-ETHOXY)-NAPHTHALEN-1-YL]-UREA
3 water water
#
_entity_poly.entity_id   1
_entity_poly.type   'polypeptide(L)'
_entity_poly.pdbx_seq_one_letter_code
;MSKSKVDNQFYSVEVADSTFTVLKRYQQLKPIGSGAQGIVCAAFDTVLGINVAVKKLSRPFQNQTHAKRAYRELVLLKCV
NHKNIISLLNVFTPQKTLEEFQDVYLVMELMDANLCQVIHMELDHERMSYLLYQMLCGIKHLHSAGIIHRDLKPSNIVVK
SDCTLKILDFGLARTACTNFMMTPYVVTRYYRAPEVILGMGYAANVDIWSVGCIMGELVKGCVIFQGTDHIDQWNKVIEQ
LGTPSAEFMAALQPTVRNYVENRPKYPGIKFEELFPDWIFPSESERDKIKTSQARDLLSKMLVIDPDKRISVDEALRHPY
ITVWYDPAEAEAPPPQIYDAQLEEREHAIEEWKELIYKEVMDWE
;
_entity_poly.pdbx_strand_id   A,B
#
loop_
_chem_comp.id
_chem_comp.type
_chem_comp.name
_chem_comp.formula
B96 non-polymer 1-(5-TERT-BUTYL-2-P-TOLYL-2H-PYRAZOL-3-YL)-3-[4-(2-MORPHOLIN-4-YL-ETHOXY)-NAPHTHALEN-1-YL]-UREA 'C31 H37 N5 O3'
#
# COMPACT_ATOMS: atom_id res chain seq x y z
N ASP A 7 -27.07 -5.67 21.49
CA ASP A 7 -25.99 -5.99 20.51
C ASP A 7 -25.75 -4.82 19.56
N ASN A 8 -26.22 -5.01 18.33
CA ASN A 8 -25.94 -4.13 17.17
C ASN A 8 -24.45 -3.95 16.84
N GLN A 9 -23.59 -4.83 17.36
CA GLN A 9 -22.14 -4.79 17.07
C GLN A 9 -21.74 -5.61 15.84
N PHE A 10 -22.56 -6.62 15.52
CA PHE A 10 -22.25 -7.60 14.47
C PHE A 10 -23.20 -7.55 13.28
N TYR A 11 -22.65 -7.88 12.10
CA TYR A 11 -23.43 -8.05 10.88
C TYR A 11 -22.96 -9.32 10.19
N SER A 12 -23.82 -9.89 9.33
CA SER A 12 -23.50 -11.13 8.62
C SER A 12 -23.36 -10.92 7.11
N VAL A 13 -22.46 -11.70 6.51
CA VAL A 13 -22.22 -11.71 5.06
C VAL A 13 -22.01 -13.15 4.55
N GLU A 14 -22.48 -13.44 3.33
CA GLU A 14 -22.27 -14.75 2.70
C GLU A 14 -20.88 -14.80 2.10
N VAL A 15 -20.06 -15.72 2.60
CA VAL A 15 -18.71 -15.91 2.08
C VAL A 15 -18.48 -17.41 1.92
N ALA A 16 -18.02 -17.81 0.73
CA ALA A 16 -17.94 -19.22 0.36
C ALA A 16 -19.33 -19.87 0.46
N ASP A 17 -19.38 -21.07 1.06
CA ASP A 17 -20.64 -21.77 1.30
C ASP A 17 -21.02 -21.55 2.78
N SER A 18 -20.65 -20.40 3.32
CA SER A 18 -20.74 -20.14 4.75
C SER A 18 -21.15 -18.70 5.07
N THR A 19 -21.17 -18.37 6.35
CA THR A 19 -21.55 -17.05 6.82
C THR A 19 -20.47 -16.51 7.74
N PHE A 20 -19.98 -15.32 7.42
CA PHE A 20 -19.10 -14.58 8.30
C PHE A 20 -19.95 -13.58 9.09
N THR A 21 -20.06 -13.80 10.39
CA THR A 21 -20.67 -12.85 11.29
C THR A 21 -19.56 -12.16 12.06
N VAL A 22 -19.33 -10.89 11.75
CA VAL A 22 -18.17 -10.16 12.24
C VAL A 22 -18.54 -8.77 12.72
N LEU A 23 -17.66 -8.20 13.53
CA LEU A 23 -17.80 -6.82 14.00
C LEU A 23 -17.89 -5.87 12.80
N LYS A 24 -18.82 -4.93 12.89
CA LYS A 24 -19.10 -3.98 11.81
C LYS A 24 -17.85 -3.22 11.33
N ARG A 25 -16.84 -3.12 12.18
CA ARG A 25 -15.56 -2.52 11.79
C ARG A 25 -14.89 -3.20 10.58
N TYR A 26 -15.19 -4.49 10.38
CA TYR A 26 -14.63 -5.22 9.24
C TYR A 26 -15.55 -5.20 8.01
N GLN A 27 -15.07 -4.59 6.95
CA GLN A 27 -15.88 -4.28 5.80
C GLN A 27 -15.25 -4.91 4.56
N GLN A 28 -16.05 -5.05 3.51
CA GLN A 28 -15.60 -5.50 2.19
C GLN A 28 -14.88 -6.85 2.20
N LEU A 29 -15.54 -7.87 2.76
CA LEU A 29 -14.94 -9.19 2.90
C LEU A 29 -14.83 -9.95 1.58
N LYS A 30 -13.61 -10.39 1.27
CA LYS A 30 -13.29 -11.17 0.08
C LYS A 30 -12.53 -12.45 0.46
N PRO A 31 -13.06 -13.63 0.09
CA PRO A 31 -12.40 -14.88 0.41
C PRO A 31 -11.08 -15.02 -0.32
N ILE A 32 -10.04 -15.41 0.41
CA ILE A 32 -8.70 -15.55 -0.17
C ILE A 32 -8.05 -16.91 0.13
N GLY A 33 -8.68 -17.70 0.98
CA GLY A 33 -8.15 -19.01 1.35
C GLY A 33 -9.18 -19.87 2.05
N SER A 34 -9.22 -21.16 1.71
CA SER A 34 -10.21 -22.05 2.30
C SER A 34 -9.71 -23.48 2.49
N GLY A 35 -10.27 -24.13 3.50
CA GLY A 35 -9.95 -25.52 3.82
C GLY A 35 -10.96 -26.04 4.84
N ALA A 36 -10.73 -27.28 5.29
CA ALA A 36 -11.61 -27.92 6.26
C ALA A 36 -11.47 -27.34 7.67
N GLN A 37 -10.29 -26.84 8.02
CA GLN A 37 -10.07 -26.26 9.34
C GLN A 37 -10.34 -24.75 9.45
N GLY A 38 -10.52 -24.07 8.32
CA GLY A 38 -10.67 -22.61 8.33
C GLY A 38 -10.85 -21.93 6.99
N ILE A 39 -11.34 -20.69 7.04
CA ILE A 39 -11.58 -19.84 5.87
C ILE A 39 -11.04 -18.46 6.19
N VAL A 40 -10.27 -17.90 5.26
CA VAL A 40 -9.65 -16.59 5.44
C VAL A 40 -10.20 -15.60 4.41
N CYS A 41 -10.68 -14.46 4.90
CA CYS A 41 -11.10 -13.34 4.04
C CYS A 41 -10.18 -12.15 4.21
N ALA A 42 -9.98 -11.42 3.12
CA ALA A 42 -9.43 -10.08 3.19
C ALA A 42 -10.56 -9.13 3.56
N ALA A 43 -10.24 -8.12 4.37
CA ALA A 43 -11.21 -7.13 4.77
C ALA A 43 -10.53 -5.80 5.03
N PHE A 44 -11.32 -4.73 4.99
CA PHE A 44 -10.87 -3.41 5.42
C PHE A 44 -11.31 -3.17 6.87
N ASP A 45 -10.35 -2.87 7.74
CA ASP A 45 -10.65 -2.48 9.11
C ASP A 45 -10.88 -0.98 9.15
N THR A 46 -12.14 -0.57 9.26
CA THR A 46 -12.52 0.85 9.23
C THR A 46 -11.95 1.63 10.42
N VAL A 47 -11.80 0.95 11.55
CA VAL A 47 -11.26 1.56 12.78
C VAL A 47 -9.74 1.78 12.68
N LEU A 48 -9.00 0.74 12.29
CA LEU A 48 -7.56 0.87 12.13
C LEU A 48 -7.17 1.60 10.84
N GLY A 49 -8.11 1.64 9.90
CA GLY A 49 -7.89 2.28 8.60
C GLY A 49 -6.95 1.49 7.71
N ILE A 50 -6.90 0.18 7.94
CA ILE A 50 -6.01 -0.73 7.18
C ILE A 50 -6.75 -1.99 6.74
N ASN A 51 -6.22 -2.61 5.69
CA ASN A 51 -6.64 -3.94 5.28
C ASN A 51 -6.19 -5.00 6.28
N VAL A 52 -7.07 -5.99 6.52
CA VAL A 52 -6.78 -7.09 7.43
C VAL A 52 -7.16 -8.44 6.82
N ALA A 53 -6.68 -9.53 7.42
CA ALA A 53 -7.13 -10.87 7.07
C ALA A 53 -7.88 -11.47 8.26
N VAL A 54 -9.08 -11.99 7.99
CA VAL A 54 -9.92 -12.57 9.03
C VAL A 54 -10.09 -14.08 8.81
N LYS A 55 -9.58 -14.88 9.74
CA LYS A 55 -9.71 -16.33 9.69
C LYS A 55 -10.86 -16.83 10.56
N LYS A 56 -11.85 -17.43 9.91
CA LYS A 56 -12.95 -18.08 10.61
C LYS A 56 -12.66 -19.55 10.87
N LEU A 57 -12.72 -19.95 12.14
CA LEU A 57 -12.77 -21.37 12.50
C LEU A 57 -14.24 -21.68 12.78
N SER A 58 -14.86 -22.50 11.93
CA SER A 58 -16.27 -22.86 12.09
C SER A 58 -16.44 -24.02 13.06
N ARG A 59 -17.35 -23.84 14.02
CA ARG A 59 -17.49 -24.70 15.21
C ARG A 59 -16.33 -25.69 15.37
N PRO A 60 -15.16 -25.17 15.83
CA PRO A 60 -13.93 -25.94 15.95
C PRO A 60 -14.02 -27.12 16.91
N PHE A 61 -15.12 -27.21 17.65
CA PHE A 61 -15.30 -28.28 18.62
C PHE A 61 -16.11 -29.44 18.05
N GLN A 62 -16.64 -29.25 16.83
CA GLN A 62 -17.40 -30.29 16.11
C GLN A 62 -16.85 -31.73 16.23
N ASN A 63 -15.53 -31.87 16.26
CA ASN A 63 -14.89 -33.14 16.61
C ASN A 63 -13.55 -32.92 17.29
N GLN A 64 -12.94 -34.01 17.75
CA GLN A 64 -11.70 -34.00 18.50
C GLN A 64 -10.51 -33.42 17.72
N THR A 65 -10.44 -33.75 16.44
CA THR A 65 -9.35 -33.28 15.57
C THR A 65 -9.42 -31.75 15.37
N HIS A 66 -10.61 -31.25 15.06
CA HIS A 66 -10.81 -29.81 14.89
C HIS A 66 -10.55 -29.05 16.18
N ALA A 67 -11.04 -29.60 17.30
CA ALA A 67 -10.96 -28.96 18.60
C ALA A 67 -9.52 -28.72 19.07
N LYS A 68 -8.72 -29.77 19.00
CA LYS A 68 -7.31 -29.72 19.39
C LYS A 68 -6.52 -28.73 18.54
N ARG A 69 -6.88 -28.64 17.26
CA ARG A 69 -6.18 -27.75 16.33
C ARG A 69 -6.56 -26.29 16.53
N ALA A 70 -7.83 -26.04 16.85
CA ALA A 70 -8.29 -24.70 17.19
C ALA A 70 -7.67 -24.22 18.49
N TYR A 71 -7.63 -25.10 19.50
CA TYR A 71 -7.07 -24.76 20.79
C TYR A 71 -5.55 -24.53 20.70
N ARG A 72 -4.85 -25.42 20.01
CA ARG A 72 -3.42 -25.24 19.78
C ARG A 72 -3.09 -23.92 19.07
N GLU A 73 -3.88 -23.54 18.07
CA GLU A 73 -3.61 -22.29 17.36
C GLU A 73 -3.71 -21.09 18.29
N LEU A 74 -4.79 -21.03 19.07
CA LEU A 74 -5.02 -19.92 20.01
C LEU A 74 -3.91 -19.83 21.06
N VAL A 75 -3.46 -21.00 21.53
CA VAL A 75 -2.43 -21.07 22.58
C VAL A 75 -1.04 -20.71 22.05
N LEU A 76 -0.68 -21.21 20.86
CA LEU A 76 0.61 -20.88 20.24
C LEU A 76 0.72 -19.39 19.95
N LEU A 77 -0.32 -18.80 19.40
CA LEU A 77 -0.34 -17.36 19.09
C LEU A 77 -0.32 -16.46 20.34
N LYS A 78 -0.73 -17.04 21.46
CA LYS A 78 -0.66 -16.42 22.78
C LYS A 78 0.79 -16.33 23.29
N CYS A 79 1.63 -17.27 22.87
CA CYS A 79 3.03 -17.33 23.34
C CYS A 79 4.02 -16.46 22.57
N VAL A 80 3.60 -15.90 21.44
CA VAL A 80 4.52 -15.13 20.60
C VAL A 80 4.15 -13.65 20.55
N ASN A 81 5.16 -12.81 20.36
CA ASN A 81 5.01 -11.37 20.42
C ASN A 81 6.20 -10.73 19.72
N HIS A 82 6.22 -10.83 18.40
CA HIS A 82 7.37 -10.41 17.58
C HIS A 82 6.92 -9.86 16.23
N LYS A 83 7.59 -8.83 15.73
CA LYS A 83 7.22 -8.18 14.46
C LYS A 83 7.40 -9.08 13.23
N ASN A 84 8.19 -10.14 13.39
CA ASN A 84 8.48 -11.07 12.29
C ASN A 84 7.74 -12.40 12.43
N ILE A 85 6.72 -12.40 13.29
CA ILE A 85 5.78 -13.51 13.42
C ILE A 85 4.38 -12.90 13.38
N ILE A 86 3.43 -13.65 12.82
CA ILE A 86 2.01 -13.30 12.89
C ILE A 86 1.62 -12.86 14.31
N SER A 87 1.03 -11.67 14.38
CA SER A 87 0.46 -11.16 15.61
C SER A 87 -1.01 -10.83 15.39
N LEU A 88 -1.85 -11.31 16.30
CA LEU A 88 -3.29 -11.11 16.20
C LEU A 88 -3.71 -9.70 16.62
N LEU A 89 -4.37 -9.00 15.71
CA LEU A 89 -4.95 -7.69 16.01
C LEU A 89 -6.26 -7.81 16.79
N ASN A 90 -6.92 -8.95 16.67
CA ASN A 90 -8.21 -9.17 17.31
C ASN A 90 -8.58 -10.61 17.27
N VAL A 91 -9.28 -11.05 18.32
CA VAL A 91 -9.86 -12.38 18.42
C VAL A 91 -11.26 -12.18 18.98
N PHE A 92 -12.28 -12.73 18.33
CA PHE A 92 -13.65 -12.59 18.82
C PHE A 92 -14.58 -13.75 18.47
N THR A 93 -15.73 -13.76 19.14
CA THR A 93 -16.85 -14.60 18.74
C THR A 93 -18.13 -13.76 18.75
N PRO A 94 -19.02 -13.97 17.76
CA PRO A 94 -20.30 -13.24 17.80
C PRO A 94 -21.31 -13.84 18.77
N GLN A 95 -21.02 -15.03 19.29
CA GLN A 95 -21.90 -15.70 20.25
C GLN A 95 -21.64 -15.18 21.66
N LYS A 96 -22.70 -15.07 22.44
CA LYS A 96 -22.68 -14.29 23.68
C LYS A 96 -22.43 -15.11 24.94
N THR A 97 -22.75 -16.39 24.89
CA THR A 97 -22.55 -17.27 26.02
C THR A 97 -21.82 -18.53 25.57
N LEU A 98 -21.44 -19.37 26.52
CA LEU A 98 -20.86 -20.67 26.23
C LEU A 98 -21.86 -21.62 25.57
N GLU A 99 -23.09 -21.68 26.09
CA GLU A 99 -24.07 -22.65 25.61
C GLU A 99 -24.38 -22.52 24.12
N GLU A 100 -24.21 -21.31 23.59
CA GLU A 100 -24.50 -21.04 22.20
C GLU A 100 -23.24 -20.81 21.35
N PHE A 101 -22.08 -20.72 22.01
CA PHE A 101 -20.79 -20.53 21.34
C PHE A 101 -20.58 -21.49 20.17
N GLN A 102 -20.17 -20.94 19.03
CA GLN A 102 -20.05 -21.69 17.80
C GLN A 102 -18.76 -21.39 17.02
N ASP A 103 -18.50 -20.12 16.73
CA ASP A 103 -17.43 -19.75 15.83
C ASP A 103 -16.34 -18.87 16.46
N VAL A 104 -15.10 -19.00 15.96
CA VAL A 104 -13.98 -18.18 16.40
C VAL A 104 -13.42 -17.41 15.21
N TYR A 105 -13.13 -16.12 15.40
CA TYR A 105 -12.56 -15.29 14.35
C TYR A 105 -11.21 -14.72 14.79
N LEU A 106 -10.20 -14.85 13.93
CA LEU A 106 -8.86 -14.33 14.21
C LEU A 106 -8.50 -13.27 13.18
N VAL A 107 -7.98 -12.13 13.63
CA VAL A 107 -7.65 -11.05 12.72
C VAL A 107 -6.15 -10.78 12.78
N MET A 108 -5.54 -10.63 11.59
CA MET A 108 -4.15 -10.20 11.47
C MET A 108 -4.07 -9.14 10.38
N GLU A 109 -2.93 -8.45 10.30
CA GLU A 109 -2.65 -7.46 9.28
C GLU A 109 -2.53 -8.13 7.91
N LEU A 110 -3.16 -7.55 6.89
CA LEU A 110 -3.00 -8.03 5.51
C LEU A 110 -1.66 -7.56 4.95
N MET A 111 -0.83 -8.55 4.59
CA MET A 111 0.45 -8.29 3.95
C MET A 111 0.23 -8.20 2.44
N ASP A 112 1.29 -7.89 1.69
CA ASP A 112 1.15 -7.62 0.27
C ASP A 112 1.33 -8.85 -0.63
N ALA A 113 2.08 -9.83 -0.13
CA ALA A 113 2.49 -10.98 -0.92
C ALA A 113 3.15 -12.04 -0.04
N ASN A 114 3.28 -13.26 -0.57
CA ASN A 114 4.05 -14.27 0.12
C ASN A 114 5.36 -14.52 -0.61
N LEU A 115 6.30 -15.22 0.03
CA LEU A 115 7.66 -15.34 -0.50
C LEU A 115 7.71 -16.02 -1.87
N CYS A 116 6.74 -16.88 -2.17
CA CYS A 116 6.61 -17.50 -3.49
C CYS A 116 6.66 -16.46 -4.61
N GLN A 117 6.03 -15.30 -4.36
CA GLN A 117 5.93 -14.24 -5.35
C GLN A 117 7.17 -13.35 -5.35
N VAL A 118 8.08 -13.60 -4.42
CA VAL A 118 9.34 -12.85 -4.27
C VAL A 118 10.54 -13.55 -4.93
N ILE A 119 10.48 -14.88 -5.03
CA ILE A 119 11.61 -15.71 -5.45
C ILE A 119 12.19 -15.34 -6.82
N HIS A 120 11.32 -15.05 -7.79
CA HIS A 120 11.77 -14.79 -9.16
C HIS A 120 11.92 -13.31 -9.50
N MET A 121 12.15 -12.52 -8.45
CA MET A 121 12.49 -11.12 -8.60
C MET A 121 14.00 -11.00 -8.53
N GLU A 122 14.53 -9.90 -9.04
CA GLU A 122 15.96 -9.65 -9.02
C GLU A 122 16.30 -9.00 -7.68
N LEU A 123 16.68 -9.84 -6.72
CA LEU A 123 17.01 -9.33 -5.39
C LEU A 123 18.50 -9.02 -5.33
N ASP A 124 18.83 -7.93 -4.63
CA ASP A 124 20.22 -7.62 -4.32
C ASP A 124 20.55 -8.17 -2.93
N HIS A 125 21.84 -8.12 -2.58
CA HIS A 125 22.33 -8.65 -1.32
C HIS A 125 21.68 -8.02 -0.09
N GLU A 126 21.46 -6.71 -0.16
CA GLU A 126 20.86 -5.94 0.90
C GLU A 126 19.41 -6.41 1.19
N ARG A 127 18.61 -6.60 0.14
CA ARG A 127 17.27 -7.16 0.31
C ARG A 127 17.29 -8.62 0.78
N MET A 128 18.10 -9.45 0.14
CA MET A 128 18.18 -10.86 0.50
C MET A 128 18.61 -11.06 1.95
N SER A 129 19.67 -10.36 2.36
CA SER A 129 20.20 -10.47 3.72
C SER A 129 19.21 -9.94 4.75
N TYR A 130 18.43 -8.92 4.39
CA TYR A 130 17.40 -8.39 5.29
C TYR A 130 16.22 -9.34 5.49
N LEU A 131 15.76 -9.95 4.39
CA LEU A 131 14.71 -10.96 4.45
C LEU A 131 15.13 -12.12 5.35
N LEU A 132 16.33 -12.63 5.09
CA LEU A 132 16.96 -13.68 5.89
C LEU A 132 17.12 -13.34 7.37
N TYR A 133 17.56 -12.12 7.64
CA TYR A 133 17.69 -11.59 8.99
C TYR A 133 16.37 -11.65 9.76
N GLN A 134 15.30 -11.14 9.14
CA GLN A 134 13.97 -11.15 9.73
C GLN A 134 13.46 -12.57 9.96
N MET A 135 13.67 -13.45 8.99
CA MET A 135 13.29 -14.86 9.11
C MET A 135 13.96 -15.47 10.32
N LEU A 136 15.28 -15.26 10.44
CA LEU A 136 16.05 -15.72 11.59
C LEU A 136 15.58 -15.13 12.92
N CYS A 137 15.27 -13.84 12.96
CA CYS A 137 14.73 -13.20 14.15
C CYS A 137 13.43 -13.87 14.58
N GLY A 138 12.54 -14.09 13.60
CA GLY A 138 11.28 -14.76 13.82
C GLY A 138 11.46 -16.18 14.35
N ILE A 139 12.36 -16.92 13.73
CA ILE A 139 12.66 -18.30 14.14
C ILE A 139 13.23 -18.35 15.56
N LYS A 140 14.12 -17.41 15.88
CA LYS A 140 14.73 -17.37 17.21
C LYS A 140 13.66 -17.15 18.27
N HIS A 141 12.73 -16.24 17.99
CA HIS A 141 11.62 -15.96 18.90
C HIS A 141 10.75 -17.21 19.15
N LEU A 142 10.36 -17.90 18.08
CA LEU A 142 9.59 -19.16 18.16
C LEU A 142 10.32 -20.22 18.98
N HIS A 143 11.60 -20.41 18.70
CA HIS A 143 12.41 -21.41 19.40
C HIS A 143 12.52 -21.11 20.90
N SER A 144 12.68 -19.83 21.26
CA SER A 144 12.74 -19.45 22.67
C SER A 144 11.35 -19.55 23.36
N ALA A 145 10.29 -19.54 22.55
CA ALA A 145 8.95 -19.87 23.03
C ALA A 145 8.62 -21.37 22.98
N GLY A 146 9.62 -22.21 22.71
CA GLY A 146 9.42 -23.66 22.65
C GLY A 146 8.58 -24.17 21.48
N ILE A 147 8.60 -23.42 20.37
CA ILE A 147 7.84 -23.76 19.19
C ILE A 147 8.78 -24.01 18.01
N ILE A 148 8.74 -25.23 17.50
CA ILE A 148 9.42 -25.57 16.26
C ILE A 148 8.36 -25.47 15.16
N HIS A 149 8.63 -24.65 14.16
CA HIS A 149 7.65 -24.41 13.12
C HIS A 149 7.34 -25.69 12.36
N ARG A 150 8.39 -26.37 11.89
CA ARG A 150 8.28 -27.62 11.14
C ARG A 150 7.83 -27.47 9.69
N ASP A 151 7.22 -26.33 9.36
CA ASP A 151 6.61 -26.11 8.03
C ASP A 151 7.05 -24.79 7.44
N LEU A 152 8.32 -24.45 7.64
CA LEU A 152 8.85 -23.25 7.04
C LEU A 152 9.07 -23.51 5.57
N LYS A 153 8.31 -22.78 4.76
CA LYS A 153 8.38 -22.84 3.32
C LYS A 153 7.94 -21.46 2.84
N PRO A 154 8.26 -21.09 1.59
CA PRO A 154 7.94 -19.77 1.07
C PRO A 154 6.47 -19.34 1.19
N SER A 155 5.54 -20.27 1.13
CA SER A 155 4.12 -19.89 1.22
C SER A 155 3.69 -19.60 2.66
N ASN A 156 4.53 -19.95 3.63
CA ASN A 156 4.27 -19.60 5.05
C ASN A 156 5.01 -18.35 5.50
N ILE A 157 5.55 -17.61 4.53
CA ILE A 157 6.27 -16.40 4.82
C ILE A 157 5.66 -15.28 4.01
N VAL A 158 5.19 -14.24 4.70
CA VAL A 158 4.52 -13.11 4.05
C VAL A 158 5.32 -11.81 4.14
N VAL A 159 5.19 -10.97 3.12
CA VAL A 159 6.02 -9.77 3.00
C VAL A 159 5.20 -8.51 2.63
N LYS A 160 5.76 -7.36 2.98
CA LYS A 160 5.23 -6.09 2.53
C LYS A 160 6.21 -5.41 1.59
N SER A 161 5.74 -4.35 0.93
CA SER A 161 6.53 -3.65 -0.09
C SER A 161 7.81 -3.01 0.45
N ASP A 162 7.83 -2.77 1.77
CA ASP A 162 9.02 -2.24 2.44
C ASP A 162 10.05 -3.31 2.82
N CYS A 163 9.86 -4.52 2.28
CA CYS A 163 10.73 -5.68 2.54
C CYS A 163 10.60 -6.29 3.95
N THR A 164 9.63 -5.82 4.73
CA THR A 164 9.35 -6.42 6.04
C THR A 164 8.60 -7.74 5.86
N LEU A 165 8.77 -8.63 6.83
CA LEU A 165 8.48 -10.04 6.69
C LEU A 165 7.84 -10.61 7.96
N LYS A 166 6.91 -11.54 7.79
CA LYS A 166 6.35 -12.29 8.92
C LYS A 166 6.25 -13.76 8.60
N ILE A 167 6.46 -14.59 9.60
CA ILE A 167 6.25 -16.03 9.53
C ILE A 167 4.85 -16.35 10.08
N LEU A 168 4.14 -17.24 9.37
CA LEU A 168 2.84 -17.74 9.82
C LEU A 168 2.71 -19.23 9.52
N ASP A 169 1.52 -19.79 9.74
CA ASP A 169 1.24 -21.16 9.33
C ASP A 169 -0.14 -21.25 8.70
N PHE A 170 -0.17 -21.32 7.37
CA PHE A 170 -1.40 -21.25 6.59
C PHE A 170 -1.95 -22.63 6.27
N GLY A 171 -1.69 -23.59 7.15
CA GLY A 171 -2.33 -24.89 7.06
C GLY A 171 -3.81 -24.77 7.41
N LEU A 172 -4.67 -25.20 6.49
CA LEU A 172 -6.13 -25.13 6.70
C LEU A 172 -6.79 -26.51 6.56
N ALA A 173 -5.98 -27.58 6.65
CA ALA A 173 -6.45 -28.95 6.42
C ALA A 173 -7.30 -29.00 5.15
N ARG A 174 -6.66 -28.74 4.01
CA ARG A 174 -7.40 -28.59 2.77
C ARG A 174 -7.79 -29.94 2.19
N THR A 175 -9.01 -30.01 1.67
CA THR A 175 -9.56 -31.20 1.01
C THR A 175 -10.06 -30.77 -0.37
N ALA A 176 -10.39 -31.74 -1.22
CA ALA A 176 -10.82 -31.47 -2.60
C ALA A 176 -12.01 -30.50 -2.67
N CYS A 177 -13.03 -30.73 -1.86
CA CYS A 177 -14.23 -29.90 -1.85
C CYS A 177 -13.97 -28.50 -1.32
N THR A 178 -13.22 -28.42 -0.21
CA THR A 178 -13.08 -27.20 0.56
C THR A 178 -12.04 -26.20 0.04
N ASN A 179 -10.96 -26.70 -0.58
CA ASN A 179 -9.81 -25.83 -0.89
C ASN A 179 -10.02 -24.77 -1.97
N PHE A 180 -9.39 -23.61 -1.73
CA PHE A 180 -9.45 -22.44 -2.60
C PHE A 180 -8.33 -21.53 -2.12
N MET A 181 -7.55 -21.00 -3.05
CA MET A 181 -6.43 -20.12 -2.71
C MET A 181 -6.33 -18.93 -3.66
N MET A 182 -6.12 -17.75 -3.09
CA MET A 182 -5.78 -16.58 -3.88
C MET A 182 -4.30 -16.24 -3.73
N THR A 183 -3.56 -17.16 -3.11
CA THR A 183 -2.12 -16.98 -2.92
C THR A 183 -1.43 -18.29 -3.26
N PRO A 184 -0.19 -18.24 -3.81
CA PRO A 184 0.53 -19.47 -4.14
C PRO A 184 0.81 -20.37 -2.94
N TYR A 185 0.82 -21.67 -3.20
CA TYR A 185 1.08 -22.68 -2.21
C TYR A 185 2.27 -23.52 -2.70
N VAL A 186 3.05 -24.04 -1.75
CA VAL A 186 4.10 -24.99 -2.09
C VAL A 186 4.09 -26.08 -1.03
N VAL A 187 4.36 -27.31 -1.45
CA VAL A 187 4.44 -28.44 -0.53
C VAL A 187 5.63 -28.29 0.43
N THR A 188 5.45 -28.83 1.64
CA THR A 188 6.44 -28.76 2.70
C THR A 188 7.65 -29.66 2.42
N ARG A 189 7.39 -30.77 1.72
CA ARG A 189 8.41 -31.78 1.40
C ARG A 189 9.77 -31.22 1.04
N TYR A 190 9.80 -30.23 0.13
CA TYR A 190 11.05 -29.68 -0.37
C TYR A 190 11.90 -29.03 0.71
N TYR A 191 11.27 -28.69 1.83
CA TYR A 191 11.87 -27.90 2.91
C TYR A 191 12.08 -28.69 4.21
N ARG A 192 11.77 -29.99 4.18
CA ARG A 192 11.96 -30.87 5.36
C ARG A 192 13.41 -31.27 5.55
N ALA A 193 13.92 -31.10 6.77
CA ALA A 193 15.29 -31.53 7.12
C ALA A 193 15.44 -33.04 6.95
N PRO A 194 16.68 -33.52 6.66
CA PRO A 194 16.86 -34.97 6.42
C PRO A 194 16.50 -35.81 7.64
N GLU A 195 16.73 -35.26 8.84
CA GLU A 195 16.38 -35.95 10.08
C GLU A 195 14.86 -36.21 10.20
N VAL A 196 14.05 -35.33 9.62
CA VAL A 196 12.61 -35.56 9.52
C VAL A 196 12.31 -36.63 8.46
N ILE A 197 12.91 -36.48 7.28
CA ILE A 197 12.72 -37.40 6.15
C ILE A 197 13.01 -38.85 6.55
N LEU A 198 14.10 -39.04 7.29
CA LEU A 198 14.59 -40.37 7.66
C LEU A 198 14.03 -40.88 9.00
N GLY A 199 13.06 -40.14 9.56
CA GLY A 199 12.34 -40.55 10.77
C GLY A 199 13.17 -40.59 12.03
N MET A 200 14.04 -39.59 12.22
CA MET A 200 15.06 -39.65 13.26
C MET A 200 14.67 -39.06 14.59
N GLY A 201 13.72 -38.13 14.58
CA GLY A 201 13.49 -37.32 15.76
C GLY A 201 14.44 -36.15 15.70
N TYR A 202 13.93 -34.97 16.06
CA TYR A 202 14.56 -33.72 15.65
C TYR A 202 14.54 -32.65 16.74
N ALA A 203 15.36 -31.62 16.55
CA ALA A 203 15.41 -30.47 17.44
C ALA A 203 15.00 -29.23 16.67
N ALA A 204 15.15 -28.05 17.28
CA ALA A 204 14.69 -26.80 16.68
C ALA A 204 15.38 -26.44 15.37
N ASN A 205 16.61 -26.89 15.19
CA ASN A 205 17.35 -26.59 13.98
C ASN A 205 16.89 -27.29 12.70
N VAL A 206 15.77 -28.02 12.74
CA VAL A 206 15.10 -28.40 11.48
C VAL A 206 14.69 -27.15 10.69
N ASP A 207 14.32 -26.09 11.43
CA ASP A 207 13.93 -24.81 10.85
C ASP A 207 15.10 -24.12 10.15
N ILE A 208 16.32 -24.35 10.64
CA ILE A 208 17.54 -23.78 10.00
C ILE A 208 17.77 -24.42 8.63
N TRP A 209 17.55 -25.72 8.53
CA TRP A 209 17.58 -26.41 7.25
C TRP A 209 16.60 -25.79 6.26
N SER A 210 15.37 -25.55 6.72
CA SER A 210 14.32 -24.95 5.89
C SER A 210 14.69 -23.55 5.42
N VAL A 211 15.31 -22.75 6.30
CA VAL A 211 15.77 -21.41 5.92
C VAL A 211 16.87 -21.45 4.84
N GLY A 212 17.77 -22.43 4.94
CA GLY A 212 18.80 -22.65 3.91
C GLY A 212 18.21 -23.03 2.55
N CYS A 213 17.16 -23.85 2.57
CA CYS A 213 16.45 -24.23 1.35
C CYS A 213 15.79 -23.02 0.72
N ILE A 214 15.16 -22.22 1.57
CA ILE A 214 14.54 -20.96 1.16
C ILE A 214 15.57 -19.98 0.64
N MET A 215 16.68 -19.85 1.37
CA MET A 215 17.78 -18.98 0.97
C MET A 215 18.32 -19.34 -0.42
N GLY A 216 18.61 -20.62 -0.64
CA GLY A 216 19.13 -21.13 -1.91
C GLY A 216 18.19 -20.88 -3.08
N GLU A 217 16.90 -21.09 -2.83
CA GLU A 217 15.85 -20.81 -3.80
C GLU A 217 15.74 -19.32 -4.14
N LEU A 218 15.89 -18.46 -3.15
CA LEU A 218 15.92 -17.00 -3.40
C LEU A 218 17.03 -16.62 -4.37
N VAL A 219 18.12 -17.39 -4.33
CA VAL A 219 19.26 -17.15 -5.21
C VAL A 219 19.08 -17.81 -6.59
N LYS A 220 18.90 -19.13 -6.62
CA LYS A 220 18.77 -19.90 -7.85
C LYS A 220 17.48 -19.66 -8.62
N GLY A 221 16.42 -19.33 -7.88
CA GLY A 221 15.08 -19.16 -8.46
C GLY A 221 14.39 -20.49 -8.66
N CYS A 222 15.01 -21.55 -8.20
CA CYS A 222 14.47 -22.90 -8.34
C CYS A 222 14.54 -23.61 -6.99
N VAL A 223 13.62 -24.55 -6.78
CA VAL A 223 13.64 -25.40 -5.59
C VAL A 223 14.97 -26.14 -5.51
N ILE A 224 15.61 -26.11 -4.35
CA ILE A 224 16.95 -26.70 -4.19
C ILE A 224 16.90 -28.23 -4.25
N PHE A 225 16.05 -28.82 -3.41
CA PHE A 225 15.87 -30.27 -3.40
C PHE A 225 14.43 -30.57 -3.78
N GLN A 226 14.21 -30.77 -5.07
CA GLN A 226 12.87 -30.97 -5.63
C GLN A 226 12.60 -32.46 -5.91
N GLY A 227 12.34 -33.21 -4.84
CA GLY A 227 12.08 -34.64 -4.95
C GLY A 227 10.61 -34.92 -5.19
N THR A 228 10.33 -36.07 -5.83
CA THR A 228 8.97 -36.46 -6.20
C THR A 228 8.17 -37.01 -5.02
N ASP A 229 8.89 -37.52 -4.02
CA ASP A 229 8.30 -38.04 -2.77
C ASP A 229 9.36 -38.05 -1.67
N HIS A 230 8.95 -38.43 -0.46
CA HIS A 230 9.87 -38.46 0.69
C HIS A 230 11.13 -39.30 0.48
N ILE A 231 10.99 -40.47 -0.14
CA ILE A 231 12.13 -41.29 -0.52
C ILE A 231 13.08 -40.49 -1.45
N ASP A 232 12.51 -39.95 -2.53
CA ASP A 232 13.26 -39.20 -3.54
C ASP A 232 13.95 -37.93 -3.01
N GLN A 233 13.32 -37.25 -2.03
CA GLN A 233 13.96 -36.08 -1.41
C GLN A 233 15.39 -36.40 -0.99
N TRP A 234 15.56 -37.57 -0.38
CA TRP A 234 16.85 -38.02 0.12
C TRP A 234 17.86 -38.15 -1.02
N ASN A 235 17.43 -38.72 -2.15
CA ASN A 235 18.30 -38.83 -3.31
C ASN A 235 18.79 -37.46 -3.76
N LYS A 236 17.89 -36.49 -3.80
CA LYS A 236 18.23 -35.11 -4.18
C LYS A 236 19.19 -34.44 -3.20
N VAL A 237 19.00 -34.69 -1.91
CA VAL A 237 19.92 -34.23 -0.87
C VAL A 237 21.34 -34.78 -1.04
N ILE A 238 21.48 -36.10 -1.15
CA ILE A 238 22.82 -36.72 -1.22
C ILE A 238 23.53 -36.44 -2.54
N GLU A 239 22.76 -36.34 -3.63
CA GLU A 239 23.33 -36.01 -4.93
C GLU A 239 24.12 -34.70 -4.90
N GLN A 240 23.65 -33.73 -4.11
CA GLN A 240 24.29 -32.41 -4.06
C GLN A 240 25.26 -32.26 -2.88
N LEU A 241 24.81 -32.64 -1.69
CA LEU A 241 25.60 -32.41 -0.47
C LEU A 241 26.54 -33.57 -0.18
N GLY A 242 26.20 -34.74 -0.72
CA GLY A 242 27.01 -35.94 -0.56
C GLY A 242 26.49 -36.87 0.51
N THR A 243 26.90 -38.12 0.42
CA THR A 243 26.60 -39.15 1.41
C THR A 243 27.05 -38.66 2.79
N PRO A 244 26.16 -38.72 3.81
CA PRO A 244 26.48 -38.27 5.16
C PRO A 244 27.46 -39.22 5.85
N SER A 245 27.97 -38.81 7.02
CA SER A 245 28.95 -39.60 7.77
C SER A 245 28.37 -40.88 8.39
N ALA A 246 29.24 -41.84 8.69
CA ALA A 246 28.84 -43.04 9.44
C ALA A 246 28.28 -42.65 10.82
N GLU A 247 28.87 -41.63 11.43
CA GLU A 247 28.39 -41.03 12.67
C GLU A 247 26.91 -40.64 12.59
N PHE A 248 26.53 -39.98 11.50
CA PHE A 248 25.15 -39.61 11.25
C PHE A 248 24.27 -40.84 11.02
N MET A 249 24.73 -41.76 10.17
CA MET A 249 24.00 -42.97 9.84
C MET A 249 23.77 -43.85 11.06
N ALA A 250 24.67 -43.76 12.04
CA ALA A 250 24.57 -44.51 13.30
C ALA A 250 23.36 -44.12 14.17
N ALA A 251 22.81 -42.94 13.92
CA ALA A 251 21.63 -42.46 14.65
C ALA A 251 20.31 -42.91 14.02
N LEU A 252 20.39 -43.56 12.87
CA LEU A 252 19.21 -44.05 12.13
C LEU A 252 18.72 -45.38 12.68
N GLN A 253 17.40 -45.61 12.61
CA GLN A 253 16.80 -46.92 12.89
C GLN A 253 17.35 -47.93 11.88
N PRO A 254 17.50 -49.21 12.30
CA PRO A 254 18.13 -50.21 11.42
C PRO A 254 17.63 -50.29 9.98
N THR A 255 16.31 -50.24 9.78
CA THR A 255 15.74 -50.32 8.43
C THR A 255 16.14 -49.10 7.58
N VAL A 256 15.92 -47.91 8.14
CA VAL A 256 16.29 -46.67 7.44
C VAL A 256 17.80 -46.62 7.23
N ARG A 257 18.55 -47.05 8.26
CA ARG A 257 20.02 -47.11 8.21
C ARG A 257 20.55 -47.93 7.04
N ASN A 258 19.99 -49.11 6.83
CA ASN A 258 20.43 -49.98 5.76
C ASN A 258 20.01 -49.48 4.38
N TYR A 259 18.81 -48.92 4.30
CA TYR A 259 18.34 -48.27 3.08
C TYR A 259 19.33 -47.18 2.65
N VAL A 260 19.70 -46.33 3.61
CA VAL A 260 20.58 -45.19 3.38
C VAL A 260 21.98 -45.63 2.93
N GLU A 261 22.49 -46.70 3.56
CA GLU A 261 23.76 -47.32 3.18
C GLU A 261 23.74 -47.96 1.79
N ASN A 262 22.54 -48.32 1.32
CA ASN A 262 22.40 -48.98 0.02
C ASN A 262 22.41 -48.06 -1.20
N ARG A 263 22.22 -46.76 -0.99
CA ARG A 263 22.17 -45.79 -2.09
C ARG A 263 23.58 -45.58 -2.67
N PRO A 264 23.68 -45.27 -3.97
CA PRO A 264 25.00 -44.95 -4.52
C PRO A 264 25.73 -43.89 -3.68
N LYS A 265 27.05 -44.02 -3.59
CA LYS A 265 27.85 -43.07 -2.84
C LYS A 265 28.07 -41.81 -3.66
N TYR A 266 27.93 -40.66 -3.00
CA TYR A 266 28.16 -39.37 -3.62
C TYR A 266 29.21 -38.58 -2.85
N PRO A 267 30.17 -37.98 -3.57
CA PRO A 267 31.18 -37.14 -2.93
C PRO A 267 30.62 -35.78 -2.49
N GLY A 268 29.55 -35.33 -3.14
CA GLY A 268 28.96 -34.02 -2.87
C GLY A 268 29.56 -32.96 -3.76
N ILE A 269 28.74 -32.01 -4.19
CA ILE A 269 29.22 -30.93 -5.04
C ILE A 269 29.67 -29.75 -4.18
N LYS A 270 30.87 -29.27 -4.45
CA LYS A 270 31.40 -28.02 -3.87
C LYS A 270 30.38 -26.90 -3.98
N PHE A 271 30.25 -26.12 -2.91
CA PHE A 271 29.30 -25.01 -2.87
C PHE A 271 29.61 -23.88 -3.86
N GLU A 272 30.90 -23.68 -4.15
CA GLU A 272 31.34 -22.74 -5.19
C GLU A 272 30.77 -23.13 -6.55
N GLU A 273 30.46 -24.41 -6.69
CA GLU A 273 29.92 -24.97 -7.91
C GLU A 273 28.39 -25.07 -7.88
N LEU A 274 27.83 -25.55 -6.77
CA LEU A 274 26.38 -25.55 -6.57
C LEU A 274 25.79 -24.15 -6.65
N PHE A 275 26.46 -23.18 -6.03
CA PHE A 275 25.99 -21.81 -5.98
C PHE A 275 27.10 -20.89 -6.50
N PRO A 276 27.20 -20.78 -7.85
CA PRO A 276 28.32 -20.04 -8.45
C PRO A 276 28.14 -18.53 -8.31
N ASP A 277 29.25 -17.79 -8.44
CA ASP A 277 29.25 -16.33 -8.30
C ASP A 277 28.22 -15.66 -9.19
N TRP A 278 28.05 -16.19 -10.41
CA TRP A 278 27.21 -15.54 -11.43
C TRP A 278 25.72 -15.45 -11.09
N ILE A 279 25.21 -16.42 -10.33
CA ILE A 279 23.80 -16.39 -9.89
C ILE A 279 23.55 -15.33 -8.78
N PHE A 280 24.62 -14.87 -8.13
CA PHE A 280 24.53 -13.83 -7.11
C PHE A 280 24.72 -12.44 -7.73
N PRO A 281 24.25 -11.38 -7.04
CA PRO A 281 24.60 -10.03 -7.48
C PRO A 281 26.12 -9.80 -7.52
N SER A 282 26.59 -9.30 -8.65
CA SER A 282 27.99 -8.95 -8.83
C SER A 282 28.10 -7.75 -9.74
N GLU A 283 27.88 -6.57 -9.16
CA GLU A 283 28.14 -5.32 -9.86
C GLU A 283 29.41 -4.68 -9.33
N SER A 284 29.66 -4.87 -8.03
CA SER A 284 30.79 -4.26 -7.35
C SER A 284 31.69 -5.26 -6.63
N GLU A 285 32.77 -4.75 -6.05
CA GLU A 285 33.70 -5.54 -5.26
C GLU A 285 33.06 -5.93 -3.93
N ARG A 286 32.16 -5.08 -3.44
CA ARG A 286 31.43 -5.32 -2.20
C ARG A 286 30.38 -6.42 -2.36
N ASP A 287 29.82 -6.57 -3.58
CA ASP A 287 28.93 -7.68 -3.90
C ASP A 287 29.69 -9.01 -3.86
N LYS A 288 30.94 -8.99 -4.29
CA LYS A 288 31.78 -10.17 -4.27
C LYS A 288 32.00 -10.67 -2.85
N ILE A 289 32.26 -9.72 -1.94
CA ILE A 289 32.44 -9.98 -0.51
C ILE A 289 31.15 -10.60 0.05
N LYS A 290 30.01 -9.97 -0.26
CA LYS A 290 28.71 -10.42 0.22
C LYS A 290 28.30 -11.79 -0.32
N THR A 291 28.62 -12.04 -1.60
CA THR A 291 28.42 -13.35 -2.22
C THR A 291 29.16 -14.47 -1.50
N SER A 292 30.42 -14.22 -1.14
CA SER A 292 31.22 -15.18 -0.37
C SER A 292 30.60 -15.45 1.00
N GLN A 293 30.09 -14.39 1.65
CA GLN A 293 29.43 -14.53 2.96
C GLN A 293 28.14 -15.33 2.85
N ALA A 294 27.33 -15.01 1.84
CA ALA A 294 26.05 -15.72 1.60
C ALA A 294 26.27 -17.20 1.36
N ARG A 295 27.25 -17.52 0.52
CA ARG A 295 27.60 -18.91 0.23
C ARG A 295 28.06 -19.61 1.48
N ASP A 296 28.90 -18.94 2.27
CA ASP A 296 29.40 -19.54 3.50
C ASP A 296 28.25 -19.87 4.43
N LEU A 297 27.34 -18.91 4.65
CA LEU A 297 26.16 -19.14 5.48
C LEU A 297 25.30 -20.31 4.95
N LEU A 298 25.08 -20.34 3.62
CA LEU A 298 24.38 -21.45 2.98
C LEU A 298 24.99 -22.81 3.27
N SER A 299 26.34 -22.88 3.23
CA SER A 299 27.05 -24.12 3.46
C SER A 299 26.93 -24.60 4.90
N LYS A 300 26.47 -23.71 5.78
CA LYS A 300 26.38 -24.03 7.21
C LYS A 300 24.95 -24.33 7.64
N MET A 301 23.99 -23.94 6.81
CA MET A 301 22.57 -24.29 7.02
C MET A 301 22.23 -25.61 6.35
N LEU A 302 22.72 -25.81 5.14
CA LEU A 302 22.45 -27.04 4.39
C LEU A 302 23.50 -28.09 4.73
N VAL A 303 23.45 -28.53 5.98
CA VAL A 303 24.27 -29.60 6.51
C VAL A 303 23.30 -30.70 6.90
N ILE A 304 23.50 -31.91 6.38
CA ILE A 304 22.61 -33.05 6.65
C ILE A 304 22.50 -33.36 8.15
N ASP A 305 23.65 -33.44 8.84
CA ASP A 305 23.72 -33.73 10.28
C ASP A 305 23.35 -32.51 11.14
N PRO A 306 22.20 -32.58 11.84
CA PRO A 306 21.76 -31.45 12.65
C PRO A 306 22.75 -31.06 13.75
N ASP A 307 23.59 -32.01 14.17
CA ASP A 307 24.65 -31.73 15.14
C ASP A 307 25.72 -30.80 14.57
N LYS A 308 25.92 -30.84 13.26
CA LYS A 308 26.93 -30.00 12.59
C LYS A 308 26.36 -28.74 11.92
N ARG A 309 25.03 -28.61 11.91
CA ARG A 309 24.33 -27.48 11.29
C ARG A 309 24.39 -26.23 12.14
N ILE A 310 24.48 -25.07 11.50
CA ILE A 310 24.51 -23.80 12.22
C ILE A 310 23.22 -23.59 13.06
N SER A 311 23.36 -22.95 14.22
CA SER A 311 22.25 -22.62 15.07
C SER A 311 21.73 -21.25 14.67
N VAL A 312 20.49 -20.93 15.05
CA VAL A 312 19.88 -19.64 14.73
C VAL A 312 20.70 -18.51 15.33
N ASP A 313 21.19 -18.73 16.56
CA ASP A 313 22.06 -17.79 17.27
C ASP A 313 23.30 -17.43 16.44
N GLU A 314 24.06 -18.45 16.01
CA GLU A 314 25.24 -18.27 15.16
C GLU A 314 24.91 -17.62 13.82
N ALA A 315 23.83 -18.06 13.18
CA ALA A 315 23.40 -17.50 11.90
C ALA A 315 23.12 -15.99 11.98
N LEU A 316 22.51 -15.56 13.07
CA LEU A 316 22.23 -14.12 13.27
C LEU A 316 23.52 -13.28 13.42
N ARG A 317 24.58 -13.91 13.92
CA ARG A 317 25.87 -13.26 14.09
C ARG A 317 26.76 -13.34 12.84
N HIS A 318 26.35 -14.12 11.84
CA HIS A 318 27.12 -14.30 10.60
C HIS A 318 27.27 -12.96 9.88
N PRO A 319 28.48 -12.69 9.34
CA PRO A 319 28.79 -11.46 8.58
C PRO A 319 27.73 -11.05 7.55
N TYR A 320 27.13 -12.02 6.86
CA TYR A 320 26.07 -11.72 5.88
C TYR A 320 24.85 -11.07 6.53
N ILE A 321 24.57 -11.44 7.77
CA ILE A 321 23.34 -11.09 8.48
C ILE A 321 23.54 -9.95 9.50
N THR A 322 24.72 -9.94 10.13
CA THR A 322 24.95 -9.10 11.28
C THR A 322 24.86 -7.59 10.99
N VAL A 323 24.99 -7.20 9.72
CA VAL A 323 24.83 -5.80 9.31
C VAL A 323 23.45 -5.21 9.70
N TRP A 324 22.48 -6.11 9.93
CA TRP A 324 21.11 -5.72 10.25
C TRP A 324 20.82 -5.83 11.74
N TYR A 325 21.75 -6.44 12.46
CA TYR A 325 21.53 -6.85 13.84
C TYR A 325 21.21 -5.68 14.77
N ASP A 326 20.04 -5.82 15.41
CA ASP A 326 19.57 -4.92 16.45
C ASP A 326 19.05 -5.81 17.56
N PRO A 327 19.63 -5.71 18.77
CA PRO A 327 19.24 -6.60 19.88
C PRO A 327 17.76 -6.50 20.25
N ALA A 328 17.15 -5.35 20.01
CA ALA A 328 15.72 -5.16 20.27
C ALA A 328 14.84 -6.09 19.43
N GLU A 329 15.36 -6.52 18.27
CA GLU A 329 14.65 -7.43 17.38
C GLU A 329 15.12 -8.87 17.58
N ALA A 330 16.43 -9.07 17.54
CA ALA A 330 17.02 -10.40 17.52
C ALA A 330 17.13 -11.06 18.90
N GLU A 331 16.79 -10.32 19.94
CA GLU A 331 16.87 -10.81 21.33
C GLU A 331 15.54 -10.63 22.10
N ALA A 332 14.52 -10.10 21.44
CA ALA A 332 13.19 -9.95 22.05
C ALA A 332 12.64 -11.28 22.62
N PRO A 333 12.33 -11.31 23.92
CA PRO A 333 11.83 -12.55 24.52
C PRO A 333 10.33 -12.76 24.31
N PRO A 334 9.90 -14.03 24.19
CA PRO A 334 8.49 -14.31 24.09
C PRO A 334 7.87 -14.17 25.48
N PRO A 335 6.56 -13.85 25.53
CA PRO A 335 5.90 -13.71 26.82
C PRO A 335 6.01 -14.96 27.71
N GLN A 336 5.86 -16.14 27.11
CA GLN A 336 6.05 -17.41 27.82
C GLN A 336 6.43 -18.55 26.88
N ILE A 337 6.76 -19.70 27.44
CA ILE A 337 7.11 -20.86 26.63
C ILE A 337 5.89 -21.76 26.46
N TYR A 338 5.66 -22.20 25.23
CA TYR A 338 4.52 -23.05 24.95
C TYR A 338 4.57 -24.37 25.72
N ASP A 339 3.43 -24.71 26.32
CA ASP A 339 3.25 -25.89 27.15
C ASP A 339 2.10 -26.69 26.56
N ALA A 340 2.42 -27.91 26.11
CA ALA A 340 1.46 -28.75 25.39
C ALA A 340 0.56 -29.59 26.31
N GLN A 341 0.67 -29.36 27.62
CA GLN A 341 -0.02 -30.20 28.63
C GLN A 341 -1.54 -30.25 28.49
N LEU A 342 -2.19 -29.08 28.44
CA LEU A 342 -3.64 -28.99 28.31
C LEU A 342 -4.16 -29.38 26.92
N GLU A 343 -3.31 -29.18 25.91
CA GLU A 343 -3.60 -29.59 24.54
C GLU A 343 -3.56 -31.12 24.40
N GLU A 344 -2.62 -31.75 25.10
CA GLU A 344 -2.45 -33.21 25.03
C GLU A 344 -3.32 -33.97 26.05
N ARG A 345 -4.03 -33.23 26.89
CA ARG A 345 -5.07 -33.80 27.75
C ARG A 345 -6.26 -34.23 26.90
N GLU A 346 -6.89 -35.33 27.29
CA GLU A 346 -8.10 -35.76 26.61
C GLU A 346 -9.29 -34.97 27.15
N HIS A 347 -10.16 -34.53 26.25
CA HIS A 347 -11.32 -33.77 26.63
C HIS A 347 -12.52 -34.25 25.85
N ALA A 348 -13.66 -34.37 26.52
CA ALA A 348 -14.93 -34.48 25.83
C ALA A 348 -15.14 -33.19 25.06
N ILE A 349 -15.93 -33.25 24.00
CA ILE A 349 -16.22 -32.10 23.14
C ILE A 349 -16.69 -30.85 23.90
N GLU A 350 -17.53 -31.06 24.92
CA GLU A 350 -18.07 -29.97 25.74
C GLU A 350 -16.97 -29.22 26.50
N GLU A 351 -15.92 -29.95 26.86
CA GLU A 351 -14.78 -29.40 27.59
C GLU A 351 -13.87 -28.59 26.66
N TRP A 352 -13.55 -29.17 25.50
CA TRP A 352 -12.85 -28.45 24.43
C TRP A 352 -13.60 -27.15 24.13
N LYS A 353 -14.91 -27.24 24.02
CA LYS A 353 -15.75 -26.07 23.75
C LYS A 353 -15.51 -24.96 24.77
N GLU A 354 -15.47 -25.33 26.05
CA GLU A 354 -15.29 -24.35 27.11
C GLU A 354 -13.86 -23.79 27.13
N LEU A 355 -12.87 -24.67 26.99
CA LEU A 355 -11.46 -24.27 26.88
C LEU A 355 -11.23 -23.25 25.76
N ILE A 356 -11.74 -23.55 24.56
CA ILE A 356 -11.63 -22.65 23.41
C ILE A 356 -12.37 -21.35 23.70
N TYR A 357 -13.57 -21.47 24.28
CA TYR A 357 -14.36 -20.30 24.66
C TYR A 357 -13.60 -19.37 25.58
N LYS A 358 -13.07 -19.92 26.67
CA LYS A 358 -12.31 -19.14 27.66
C LYS A 358 -11.11 -18.44 27.04
N GLU A 359 -10.41 -19.17 26.17
CA GLU A 359 -9.25 -18.63 25.44
C GLU A 359 -9.62 -17.40 24.60
N VAL A 360 -10.81 -17.43 24.00
CA VAL A 360 -11.32 -16.29 23.21
C VAL A 360 -11.68 -15.11 24.11
N MET A 361 -12.53 -15.35 25.11
CA MET A 361 -13.01 -14.31 26.03
C MET A 361 -11.88 -13.65 26.79
N ASP A 362 -10.81 -14.41 27.02
CA ASP A 362 -9.65 -13.90 27.73
C ASP A 362 -8.73 -13.04 26.87
N TRP A 363 -8.89 -13.09 25.54
CA TRP A 363 -7.93 -12.45 24.65
C TRP A 363 -7.95 -10.92 24.78
N ASN B 8 -37.70 38.19 2.73
CA ASN B 8 -37.77 38.48 1.26
C ASN B 8 -36.37 38.73 0.63
N GLN B 9 -35.41 37.88 0.99
CA GLN B 9 -34.02 38.00 0.53
C GLN B 9 -33.72 37.22 -0.74
N PHE B 10 -34.52 36.22 -1.03
CA PHE B 10 -34.23 35.24 -2.07
C PHE B 10 -35.15 35.39 -3.27
N TYR B 11 -34.63 35.08 -4.45
CA TYR B 11 -35.43 34.99 -5.66
C TYR B 11 -35.01 33.74 -6.43
N SER B 12 -35.90 33.22 -7.26
CA SER B 12 -35.64 32.00 -8.02
C SER B 12 -35.45 32.24 -9.53
N VAL B 13 -34.46 31.56 -10.10
CA VAL B 13 -34.20 31.55 -11.55
C VAL B 13 -34.19 30.11 -12.04
N GLU B 14 -34.84 29.83 -13.17
CA GLU B 14 -34.71 28.54 -13.85
C GLU B 14 -33.38 28.54 -14.58
N VAL B 15 -32.50 27.62 -14.22
CA VAL B 15 -31.20 27.47 -14.87
C VAL B 15 -30.92 26.01 -15.06
N ALA B 16 -30.45 25.64 -16.24
CA ALA B 16 -30.37 24.23 -16.64
C ALA B 16 -31.77 23.62 -16.56
N ASP B 17 -31.85 22.39 -16.06
CA ASP B 17 -33.13 21.76 -15.75
C ASP B 17 -33.57 22.03 -14.29
N SER B 18 -32.80 22.85 -13.57
CA SER B 18 -33.02 23.12 -12.14
C SER B 18 -33.50 24.55 -11.83
N THR B 19 -33.55 24.88 -10.54
CA THR B 19 -33.90 26.22 -10.11
C THR B 19 -32.86 26.72 -9.13
N PHE B 20 -32.25 27.86 -9.43
CA PHE B 20 -31.38 28.51 -8.46
C PHE B 20 -32.20 29.47 -7.63
N THR B 21 -32.23 29.24 -6.33
CA THR B 21 -32.88 30.15 -5.42
C THR B 21 -31.76 30.80 -4.62
N VAL B 22 -31.45 32.03 -5.00
CA VAL B 22 -30.28 32.71 -4.50
C VAL B 22 -30.64 34.08 -3.92
N LEU B 23 -29.78 34.57 -3.04
CA LEU B 23 -29.87 35.93 -2.53
C LEU B 23 -29.91 36.94 -3.68
N LYS B 24 -30.70 38.01 -3.51
CA LYS B 24 -30.95 38.99 -4.57
C LYS B 24 -29.71 39.73 -5.08
N ARG B 25 -28.63 39.73 -4.30
CA ARG B 25 -27.37 40.35 -4.69
C ARG B 25 -26.71 39.66 -5.89
N TYR B 26 -27.07 38.41 -6.12
CA TYR B 26 -26.53 37.64 -7.24
C TYR B 26 -27.51 37.71 -8.41
N GLN B 27 -27.06 38.33 -9.49
CA GLN B 27 -27.90 38.60 -10.66
C GLN B 27 -27.22 38.07 -11.91
N GLN B 28 -27.98 38.00 -13.00
CA GLN B 28 -27.44 37.61 -14.32
C GLN B 28 -26.82 36.22 -14.30
N LEU B 29 -27.52 35.29 -13.65
CA LEU B 29 -27.07 33.90 -13.56
C LEU B 29 -27.03 33.18 -14.93
N LYS B 30 -25.87 32.59 -15.23
CA LYS B 30 -25.62 31.83 -16.47
C LYS B 30 -24.93 30.51 -16.16
N PRO B 31 -25.43 29.39 -16.69
CA PRO B 31 -24.77 28.11 -16.40
C PRO B 31 -23.40 28.04 -17.05
N ILE B 32 -22.42 27.52 -16.33
CA ILE B 32 -21.08 27.37 -16.88
C ILE B 32 -20.51 25.97 -16.67
N GLY B 33 -21.17 25.16 -15.84
CA GLY B 33 -20.74 23.79 -15.61
C GLY B 33 -21.78 23.00 -14.85
N SER B 34 -21.95 21.73 -15.19
CA SER B 34 -22.78 20.84 -14.37
C SER B 34 -22.40 19.37 -14.49
N GLY B 35 -22.77 18.63 -13.44
CA GLY B 35 -22.68 17.17 -13.38
C GLY B 35 -23.69 16.73 -12.33
N ALA B 36 -23.59 15.47 -11.91
CA ALA B 36 -24.52 14.92 -10.92
C ALA B 36 -24.28 15.46 -9.50
N GLN B 37 -23.06 15.93 -9.26
CA GLN B 37 -22.57 16.41 -7.96
C GLN B 37 -22.93 17.89 -7.71
N GLY B 38 -23.10 18.66 -8.78
CA GLY B 38 -23.36 20.09 -8.66
C GLY B 38 -23.52 20.82 -9.98
N ILE B 39 -23.98 22.06 -9.90
CA ILE B 39 -24.17 22.96 -11.05
C ILE B 39 -23.54 24.29 -10.66
N VAL B 40 -22.73 24.83 -11.55
CA VAL B 40 -22.08 26.12 -11.33
C VAL B 40 -22.62 27.16 -12.31
N CYS B 41 -23.05 28.29 -11.77
CA CYS B 41 -23.43 29.43 -12.57
C CYS B 41 -22.46 30.56 -12.34
N ALA B 42 -22.25 31.36 -13.37
CA ALA B 42 -21.61 32.65 -13.25
C ALA B 42 -22.71 33.64 -12.88
N ALA B 43 -22.35 34.66 -12.12
CA ALA B 43 -23.31 35.64 -11.63
C ALA B 43 -22.59 36.93 -11.35
N PHE B 44 -23.33 38.05 -11.34
CA PHE B 44 -22.79 39.33 -10.88
C PHE B 44 -23.27 39.59 -9.46
N ASP B 45 -22.33 39.72 -8.53
CA ASP B 45 -22.63 40.06 -7.14
C ASP B 45 -22.72 41.59 -7.04
N THR B 46 -23.95 42.10 -6.93
CA THR B 46 -24.16 43.55 -6.86
C THR B 46 -23.52 44.19 -5.62
N VAL B 47 -23.61 43.50 -4.49
CA VAL B 47 -22.98 44.00 -3.26
C VAL B 47 -21.48 44.26 -3.46
N LEU B 48 -20.76 43.25 -3.94
CA LEU B 48 -19.31 43.35 -4.09
C LEU B 48 -18.90 44.06 -5.39
N GLY B 49 -19.81 44.12 -6.35
CA GLY B 49 -19.55 44.78 -7.63
C GLY B 49 -18.60 44.00 -8.51
N ILE B 50 -18.57 42.68 -8.34
CA ILE B 50 -17.73 41.78 -9.13
C ILE B 50 -18.52 40.56 -9.60
N ASN B 51 -18.04 39.91 -10.66
CA ASN B 51 -18.57 38.62 -11.08
C ASN B 51 -18.17 37.49 -10.10
N VAL B 52 -19.10 36.58 -9.87
CA VAL B 52 -18.86 35.43 -9.02
C VAL B 52 -19.26 34.13 -9.72
N ALA B 53 -18.82 33.01 -9.17
CA ALA B 53 -19.31 31.68 -9.55
C ALA B 53 -20.10 31.12 -8.39
N VAL B 54 -21.30 30.63 -8.66
CA VAL B 54 -22.17 30.05 -7.63
C VAL B 54 -22.40 28.56 -7.90
N LYS B 55 -21.92 27.71 -7.01
CA LYS B 55 -22.11 26.27 -7.15
C LYS B 55 -23.27 25.81 -6.27
N LYS B 56 -24.25 25.18 -6.88
CA LYS B 56 -25.38 24.60 -6.15
C LYS B 56 -25.20 23.11 -6.00
N LEU B 57 -25.26 22.64 -4.75
CA LEU B 57 -25.39 21.21 -4.45
C LEU B 57 -26.87 20.91 -4.18
N SER B 58 -27.48 20.16 -5.10
CA SER B 58 -28.91 19.81 -5.02
C SER B 58 -29.15 18.64 -4.08
N ARG B 59 -29.99 18.89 -3.08
CA ARG B 59 -30.15 18.02 -1.89
C ARG B 59 -29.05 16.97 -1.74
N PRO B 60 -27.89 17.39 -1.18
CA PRO B 60 -26.67 16.60 -1.07
C PRO B 60 -26.86 15.32 -0.25
N PHE B 61 -27.92 15.31 0.56
CA PHE B 61 -28.19 14.23 1.48
C PHE B 61 -29.15 13.20 0.88
N GLN B 62 -29.30 13.22 -0.45
CA GLN B 62 -30.19 12.28 -1.14
C GLN B 62 -29.73 10.83 -1.03
N ASN B 63 -28.41 10.62 -0.96
CA ASN B 63 -27.83 9.30 -0.71
C ASN B 63 -26.45 9.44 -0.09
N GLN B 64 -25.84 8.31 0.29
CA GLN B 64 -24.56 8.32 1.03
C GLN B 64 -23.40 9.00 0.28
N THR B 65 -23.27 8.68 -1.01
CA THR B 65 -22.20 9.18 -1.86
C THR B 65 -22.24 10.70 -2.03
N HIS B 66 -23.43 11.24 -2.31
CA HIS B 66 -23.63 12.68 -2.44
C HIS B 66 -23.39 13.42 -1.12
N ALA B 67 -23.88 12.82 -0.03
CA ALA B 67 -23.72 13.37 1.29
C ALA B 67 -22.26 13.42 1.71
N LYS B 68 -21.56 12.30 1.54
CA LYS B 68 -20.15 12.17 1.95
C LYS B 68 -19.29 13.25 1.33
N ARG B 69 -19.55 13.54 0.06
CA ARG B 69 -18.72 14.50 -0.65
C ARG B 69 -19.22 15.94 -0.61
N ALA B 70 -20.47 16.16 -0.23
CA ALA B 70 -20.95 17.53 0.02
C ALA B 70 -20.37 18.00 1.34
N TYR B 71 -20.34 17.10 2.32
CA TYR B 71 -19.74 17.38 3.60
C TYR B 71 -18.24 17.58 3.47
N ARG B 72 -17.59 16.69 2.71
CA ARG B 72 -16.14 16.78 2.53
C ARG B 72 -15.71 18.11 1.91
N GLU B 73 -16.42 18.53 0.87
CA GLU B 73 -16.14 19.83 0.23
C GLU B 73 -16.28 20.96 1.23
N LEU B 74 -17.37 20.97 2.01
CA LEU B 74 -17.56 21.98 3.04
C LEU B 74 -16.43 22.03 4.08
N VAL B 75 -15.97 20.85 4.50
CA VAL B 75 -14.89 20.75 5.51
C VAL B 75 -13.50 21.11 4.95
N LEU B 76 -13.14 20.59 3.78
CA LEU B 76 -11.85 20.95 3.17
C LEU B 76 -11.74 22.47 2.93
N LEU B 77 -12.82 23.07 2.44
CA LEU B 77 -12.83 24.51 2.17
C LEU B 77 -12.77 25.39 3.42
N LYS B 78 -13.13 24.86 4.58
CA LYS B 78 -12.98 25.62 5.83
C LYS B 78 -11.56 25.50 6.42
N CYS B 79 -10.83 24.46 6.00
CA CYS B 79 -9.44 24.24 6.43
C CYS B 79 -8.40 25.07 5.67
N VAL B 80 -8.81 25.75 4.61
CA VAL B 80 -7.89 26.52 3.78
C VAL B 80 -8.25 28.00 3.80
N ASN B 81 -7.24 28.86 3.68
CA ASN B 81 -7.38 30.31 3.74
C ASN B 81 -6.13 30.90 3.14
N HIS B 82 -6.08 30.88 1.81
CA HIS B 82 -4.90 31.29 1.06
C HIS B 82 -5.35 31.85 -0.26
N LYS B 83 -4.73 32.95 -0.68
CA LYS B 83 -5.08 33.60 -1.94
C LYS B 83 -4.83 32.77 -3.22
N ASN B 84 -4.01 31.71 -3.12
CA ASN B 84 -3.76 30.84 -4.27
C ASN B 84 -4.59 29.54 -4.22
N ILE B 85 -5.61 29.53 -3.37
CA ILE B 85 -6.57 28.44 -3.30
C ILE B 85 -7.93 29.12 -3.32
N ILE B 86 -8.93 28.45 -3.90
CA ILE B 86 -10.33 28.90 -3.84
C ILE B 86 -10.70 29.26 -2.39
N SER B 87 -11.27 30.45 -2.18
CA SER B 87 -11.92 30.76 -0.91
C SER B 87 -13.35 31.13 -1.14
N LEU B 88 -14.22 30.57 -0.30
CA LEU B 88 -15.64 30.86 -0.41
C LEU B 88 -15.90 32.26 0.08
N LEU B 89 -16.56 33.05 -0.77
CA LEU B 89 -17.01 34.39 -0.42
C LEU B 89 -18.35 34.31 0.30
N ASN B 90 -19.06 33.19 0.10
CA ASN B 90 -20.39 33.00 0.71
C ASN B 90 -20.79 31.54 0.64
N VAL B 91 -21.52 31.09 1.66
CA VAL B 91 -22.18 29.80 1.71
C VAL B 91 -23.56 30.05 2.29
N PHE B 92 -24.60 29.57 1.62
CA PHE B 92 -25.97 29.72 2.13
C PHE B 92 -26.92 28.60 1.70
N THR B 93 -28.03 28.48 2.43
CA THR B 93 -29.18 27.71 2.00
C THR B 93 -30.38 28.65 2.01
N PRO B 94 -31.27 28.55 1.01
CA PRO B 94 -32.49 29.35 1.04
C PRO B 94 -33.58 28.78 1.96
N GLN B 95 -33.34 27.59 2.51
CA GLN B 95 -34.28 26.95 3.40
C GLN B 95 -34.02 27.35 4.85
N LYS B 96 -35.08 27.55 5.61
CA LYS B 96 -34.98 28.19 6.92
C LYS B 96 -34.84 27.24 8.11
N THR B 97 -35.07 25.95 7.89
CA THR B 97 -34.97 24.98 8.98
C THR B 97 -34.32 23.69 8.51
N LEU B 98 -33.86 22.87 9.46
CA LEU B 98 -33.27 21.58 9.14
C LEU B 98 -34.30 20.69 8.48
N GLU B 99 -35.53 20.71 8.98
CA GLU B 99 -36.59 19.83 8.50
C GLU B 99 -36.90 20.03 7.02
N GLU B 100 -36.79 21.27 6.56
CA GLU B 100 -37.12 21.60 5.19
C GLU B 100 -35.85 21.85 4.34
N PHE B 101 -34.68 21.76 4.97
CA PHE B 101 -33.39 22.01 4.30
C PHE B 101 -33.27 21.16 3.05
N GLN B 102 -32.87 21.80 1.95
CA GLN B 102 -32.73 21.11 0.68
C GLN B 102 -31.36 21.34 0.02
N ASP B 103 -31.01 22.62 -0.19
CA ASP B 103 -29.93 22.97 -1.11
C ASP B 103 -28.83 23.83 -0.48
N VAL B 104 -27.60 23.64 -0.94
CA VAL B 104 -26.46 24.43 -0.49
C VAL B 104 -25.89 25.16 -1.68
N TYR B 105 -25.54 26.43 -1.47
CA TYR B 105 -24.92 27.27 -2.47
C TYR B 105 -23.60 27.78 -1.95
N LEU B 106 -22.55 27.53 -2.74
CA LEU B 106 -21.19 28.03 -2.47
C LEU B 106 -20.83 29.08 -3.51
N VAL B 107 -20.21 30.17 -3.06
CA VAL B 107 -19.88 31.30 -3.92
C VAL B 107 -18.38 31.56 -3.84
N MET B 108 -17.72 31.72 -5.00
CA MET B 108 -16.32 32.12 -5.08
C MET B 108 -16.16 33.24 -6.11
N GLU B 109 -15.01 33.88 -6.12
CA GLU B 109 -14.71 34.93 -7.10
C GLU B 109 -14.62 34.31 -8.50
N LEU B 110 -15.23 34.96 -9.50
CA LEU B 110 -15.06 34.52 -10.89
C LEU B 110 -13.68 34.92 -11.42
N MET B 111 -12.95 33.95 -11.92
CA MET B 111 -11.64 34.23 -12.53
C MET B 111 -11.81 34.43 -14.04
N ASP B 112 -10.76 34.87 -14.72
CA ASP B 112 -10.86 35.15 -16.17
C ASP B 112 -10.76 33.93 -17.08
N ALA B 113 -9.96 32.94 -16.67
CA ALA B 113 -9.69 31.76 -17.50
C ALA B 113 -9.19 30.61 -16.66
N ASN B 114 -9.07 29.41 -17.23
CA ASN B 114 -8.24 28.37 -16.62
C ASN B 114 -6.91 28.16 -17.37
N LEU B 115 -6.05 27.28 -16.83
CA LEU B 115 -4.69 27.12 -17.36
C LEU B 115 -4.61 26.48 -18.77
N CYS B 116 -5.61 25.66 -19.10
CA CYS B 116 -5.78 25.13 -20.47
C CYS B 116 -5.70 26.23 -21.53
N GLN B 117 -6.35 27.36 -21.22
CA GLN B 117 -6.41 28.55 -22.07
C GLN B 117 -5.15 29.44 -22.02
N VAL B 118 -4.30 29.22 -21.02
CA VAL B 118 -3.07 29.97 -20.84
C VAL B 118 -1.90 29.24 -21.50
N ILE B 119 -2.03 27.92 -21.64
CA ILE B 119 -0.94 27.07 -22.11
C ILE B 119 -0.34 27.48 -23.45
N HIS B 120 -1.20 27.87 -24.39
CA HIS B 120 -0.73 28.19 -25.74
C HIS B 120 -0.53 29.69 -25.99
N MET B 121 -0.45 30.46 -24.91
CA MET B 121 -0.04 31.85 -25.01
C MET B 121 1.49 31.88 -25.03
N GLU B 122 2.07 32.95 -25.54
CA GLU B 122 3.51 33.07 -25.51
C GLU B 122 3.92 33.71 -24.19
N LEU B 123 4.31 32.87 -23.24
CA LEU B 123 4.67 33.34 -21.91
C LEU B 123 6.17 33.49 -21.77
N ASP B 124 6.58 34.58 -21.18
CA ASP B 124 7.98 34.80 -20.85
C ASP B 124 8.34 34.11 -19.52
N HIS B 125 9.60 34.18 -19.14
CA HIS B 125 10.06 33.56 -17.91
C HIS B 125 9.45 34.16 -16.66
N GLU B 126 9.16 35.46 -16.73
CA GLU B 126 8.67 36.18 -15.58
C GLU B 126 7.25 35.70 -15.19
N ARG B 127 6.37 35.56 -16.19
CA ARG B 127 5.01 35.05 -15.97
C ARG B 127 4.95 33.55 -15.65
N MET B 128 5.78 32.75 -16.31
CA MET B 128 5.82 31.30 -16.02
C MET B 128 6.28 30.99 -14.60
N SER B 129 7.42 31.56 -14.19
CA SER B 129 7.92 31.39 -12.85
C SER B 129 6.92 31.93 -11.81
N TYR B 130 6.27 33.06 -12.13
CA TYR B 130 5.26 33.64 -11.23
C TYR B 130 4.06 32.71 -11.04
N LEU B 131 3.57 32.13 -12.13
CA LEU B 131 2.49 31.15 -12.08
C LEU B 131 2.86 29.91 -11.27
N LEU B 132 4.07 29.41 -11.49
CA LEU B 132 4.56 28.24 -10.77
C LEU B 132 4.77 28.50 -9.28
N TYR B 133 5.23 29.71 -8.94
CA TYR B 133 5.38 30.15 -7.55
C TYR B 133 4.05 30.13 -6.78
N GLN B 134 3.01 30.68 -7.39
CA GLN B 134 1.66 30.70 -6.84
C GLN B 134 1.11 29.29 -6.71
N MET B 135 1.33 28.47 -7.73
CA MET B 135 0.92 27.08 -7.67
C MET B 135 1.59 26.39 -6.48
N LEU B 136 2.90 26.62 -6.32
CA LEU B 136 3.66 26.03 -5.22
C LEU B 136 3.25 26.57 -3.84
N CYS B 137 2.87 27.85 -3.80
CA CYS B 137 2.36 28.46 -2.58
C CYS B 137 1.05 27.80 -2.18
N GLY B 138 0.15 27.64 -3.15
CA GLY B 138 -1.14 27.01 -2.92
C GLY B 138 -0.98 25.63 -2.33
N ILE B 139 -0.14 24.83 -2.99
CA ILE B 139 0.10 23.42 -2.61
C ILE B 139 0.73 23.28 -1.22
N LYS B 140 1.71 24.13 -0.91
CA LYS B 140 2.35 24.15 0.40
C LYS B 140 1.28 24.34 1.48
N HIS B 141 0.39 25.32 1.25
CA HIS B 141 -0.75 25.58 2.14
C HIS B 141 -1.69 24.40 2.25
N LEU B 142 -2.07 23.82 1.11
CA LEU B 142 -2.86 22.58 1.13
C LEU B 142 -2.20 21.52 2.00
N HIS B 143 -0.91 21.25 1.74
CA HIS B 143 -0.20 20.17 2.41
C HIS B 143 -0.10 20.35 3.92
N SER B 144 0.07 21.60 4.37
CA SER B 144 0.16 21.87 5.80
C SER B 144 -1.21 21.77 6.48
N ALA B 145 -2.29 21.79 5.69
CA ALA B 145 -3.64 21.54 6.17
C ALA B 145 -3.99 20.06 6.03
N GLY B 146 -2.99 19.23 5.77
CA GLY B 146 -3.21 17.80 5.63
C GLY B 146 -4.06 17.42 4.44
N ILE B 147 -4.05 18.29 3.42
CA ILE B 147 -4.77 18.02 2.18
C ILE B 147 -3.77 17.79 1.05
N ILE B 148 -3.82 16.58 0.49
CA ILE B 148 -3.11 16.28 -0.75
C ILE B 148 -4.14 16.45 -1.86
N HIS B 149 -3.79 17.22 -2.89
CA HIS B 149 -4.76 17.54 -3.94
C HIS B 149 -5.06 16.31 -4.78
N ARG B 150 -4.02 15.65 -5.29
CA ARG B 150 -4.13 14.37 -6.02
C ARG B 150 -4.68 14.53 -7.43
N ASP B 151 -5.19 15.71 -7.74
CA ASP B 151 -5.90 15.91 -8.99
C ASP B 151 -5.54 17.26 -9.61
N LEU B 152 -4.29 17.67 -9.43
CA LEU B 152 -3.79 18.90 -10.02
C LEU B 152 -3.61 18.77 -11.52
N LYS B 153 -4.26 19.67 -12.24
CA LYS B 153 -4.24 19.64 -13.69
C LYS B 153 -4.69 21.03 -14.19
N PRO B 154 -4.33 21.38 -15.44
CA PRO B 154 -4.59 22.73 -15.94
C PRO B 154 -6.03 23.19 -15.77
N SER B 155 -7.01 22.29 -15.88
CA SER B 155 -8.41 22.70 -15.73
C SER B 155 -8.84 22.93 -14.27
N ASN B 156 -8.02 22.50 -13.30
CA ASN B 156 -8.26 22.82 -11.89
C ASN B 156 -7.47 24.03 -11.37
N ILE B 157 -6.88 24.77 -12.31
CA ILE B 157 -6.10 25.95 -11.98
C ILE B 157 -6.65 27.10 -12.79
N VAL B 158 -7.06 28.14 -12.08
CA VAL B 158 -7.73 29.28 -12.70
C VAL B 158 -6.91 30.53 -12.49
N VAL B 159 -7.03 31.48 -13.43
CA VAL B 159 -6.14 32.62 -13.52
C VAL B 159 -6.92 33.91 -13.79
N LYS B 160 -6.35 35.05 -13.40
CA LYS B 160 -6.87 36.37 -13.83
C LYS B 160 -5.85 37.05 -14.73
N SER B 161 -6.30 38.04 -15.49
CA SER B 161 -5.43 38.74 -16.46
C SER B 161 -4.19 39.42 -15.83
N ASP B 162 -4.23 39.66 -14.53
CA ASP B 162 -3.08 40.20 -13.80
C ASP B 162 -2.07 39.11 -13.44
N CYS B 163 -2.29 37.90 -13.96
CA CYS B 163 -1.40 36.75 -13.81
C CYS B 163 -1.48 36.09 -12.41
N THR B 164 -2.48 36.45 -11.62
CA THR B 164 -2.70 35.74 -10.37
C THR B 164 -3.48 34.44 -10.60
N LEU B 165 -3.43 33.54 -9.64
CA LEU B 165 -3.80 32.16 -9.86
C LEU B 165 -4.38 31.52 -8.61
N LYS B 166 -5.41 30.71 -8.79
CA LYS B 166 -5.96 29.92 -7.70
C LYS B 166 -6.10 28.45 -8.10
N ILE B 167 -5.90 27.56 -7.14
CA ILE B 167 -6.15 26.14 -7.31
C ILE B 167 -7.54 25.83 -6.79
N LEU B 168 -8.32 25.05 -7.55
CA LEU B 168 -9.59 24.52 -7.06
C LEU B 168 -9.73 23.04 -7.42
N ASP B 169 -10.90 22.48 -7.19
CA ASP B 169 -11.21 21.13 -7.63
C ASP B 169 -12.61 21.12 -8.26
N PHE B 170 -12.65 21.10 -9.60
CA PHE B 170 -13.89 21.25 -10.37
C PHE B 170 -14.53 19.92 -10.72
N GLY B 171 -14.43 18.96 -9.81
CA GLY B 171 -15.10 17.68 -9.97
C GLY B 171 -16.57 17.83 -9.65
N LEU B 172 -17.42 17.40 -10.59
CA LEU B 172 -18.87 17.47 -10.40
C LEU B 172 -19.54 16.12 -10.60
N ALA B 173 -18.77 15.03 -10.55
CA ALA B 173 -19.24 13.69 -10.91
C ALA B 173 -20.09 13.75 -12.20
N ARG B 174 -19.45 14.18 -13.28
CA ARG B 174 -20.09 14.33 -14.60
C ARG B 174 -20.53 12.98 -15.17
N THR B 175 -21.77 12.95 -15.67
CA THR B 175 -22.34 11.81 -16.41
C THR B 175 -22.83 12.32 -17.76
N ALA B 176 -23.18 11.39 -18.66
CA ALA B 176 -23.60 11.73 -20.03
C ALA B 176 -24.75 12.73 -20.08
N CYS B 177 -25.77 12.52 -19.24
CA CYS B 177 -26.96 13.37 -19.24
C CYS B 177 -26.78 14.73 -18.60
N THR B 178 -26.05 14.76 -17.48
CA THR B 178 -25.89 15.96 -16.67
C THR B 178 -24.79 16.88 -17.18
N ASN B 179 -23.97 16.38 -18.11
CA ASN B 179 -22.74 17.05 -18.53
C ASN B 179 -22.94 18.31 -19.38
N PHE B 180 -22.38 19.42 -18.90
CA PHE B 180 -22.32 20.68 -19.64
C PHE B 180 -21.11 21.46 -19.13
N MET B 181 -20.41 22.16 -20.03
CA MET B 181 -19.13 22.77 -19.71
C MET B 181 -18.89 24.02 -20.57
N MET B 182 -18.69 25.17 -19.93
CA MET B 182 -18.32 26.40 -20.66
C MET B 182 -16.84 26.72 -20.47
N THR B 183 -16.10 25.77 -19.89
CA THR B 183 -14.66 25.92 -19.68
C THR B 183 -14.01 24.63 -20.12
N PRO B 184 -12.79 24.72 -20.69
CA PRO B 184 -12.04 23.53 -21.11
C PRO B 184 -11.72 22.57 -19.96
N TYR B 185 -11.81 21.28 -20.25
CA TYR B 185 -11.54 20.24 -19.28
C TYR B 185 -10.40 19.38 -19.80
N VAL B 186 -9.62 18.83 -18.88
CA VAL B 186 -8.58 17.87 -19.22
C VAL B 186 -8.67 16.68 -18.26
N VAL B 187 -8.34 15.48 -18.75
CA VAL B 187 -8.38 14.28 -17.91
C VAL B 187 -7.22 14.25 -16.92
N THR B 188 -7.41 13.54 -15.81
CA THR B 188 -6.45 13.53 -14.73
C THR B 188 -5.23 12.66 -15.04
N ARG B 189 -5.48 11.60 -15.80
CA ARG B 189 -4.51 10.56 -16.13
C ARG B 189 -3.12 11.10 -16.43
N TYR B 190 -3.06 12.13 -17.26
CA TYR B 190 -1.80 12.67 -17.76
C TYR B 190 -0.92 13.28 -16.68
N TYR B 191 -1.53 13.57 -15.53
CA TYR B 191 -0.90 14.33 -14.46
C TYR B 191 -0.72 13.50 -13.17
N ARG B 192 -1.02 12.21 -13.27
CA ARG B 192 -0.99 11.29 -12.16
C ARG B 192 0.42 10.75 -11.99
N ALA B 193 0.96 10.85 -10.77
CA ALA B 193 2.32 10.40 -10.46
C ALA B 193 2.45 8.88 -10.64
N PRO B 194 3.65 8.40 -11.06
CA PRO B 194 3.85 6.98 -11.37
C PRO B 194 3.54 6.02 -10.21
N GLU B 195 3.80 6.45 -8.98
CA GLU B 195 3.48 5.63 -7.80
C GLU B 195 1.97 5.38 -7.66
N VAL B 196 1.17 6.37 -8.04
CA VAL B 196 -0.29 6.21 -8.10
C VAL B 196 -0.63 5.22 -9.22
N ILE B 197 -0.14 5.51 -10.42
CA ILE B 197 -0.34 4.67 -11.60
C ILE B 197 -0.05 3.20 -11.29
N LEU B 198 1.07 2.94 -10.61
CA LEU B 198 1.54 1.59 -10.34
C LEU B 198 1.03 0.99 -9.02
N GLY B 199 0.06 1.66 -8.39
CA GLY B 199 -0.61 1.17 -7.19
C GLY B 199 0.24 1.01 -5.95
N MET B 200 1.14 1.97 -5.73
CA MET B 200 2.15 1.92 -4.66
C MET B 200 1.76 2.63 -3.38
N GLY B 201 0.70 3.43 -3.41
CA GLY B 201 0.45 4.36 -2.32
C GLY B 201 1.45 5.50 -2.42
N TYR B 202 1.13 6.63 -1.79
CA TYR B 202 1.79 7.88 -2.09
C TYR B 202 1.81 8.83 -0.90
N ALA B 203 2.53 9.94 -1.06
CA ALA B 203 2.61 11.00 -0.08
C ALA B 203 2.28 12.35 -0.77
N ALA B 204 2.45 13.46 -0.06
CA ALA B 204 2.08 14.78 -0.56
C ALA B 204 2.72 15.12 -1.90
N ASN B 205 3.95 14.67 -2.12
CA ASN B 205 4.66 15.03 -3.35
C ASN B 205 4.18 14.38 -4.66
N VAL B 206 3.02 13.69 -4.62
CA VAL B 206 2.33 13.33 -5.87
C VAL B 206 1.94 14.61 -6.57
N ASP B 207 1.63 15.63 -5.78
CA ASP B 207 1.25 16.95 -6.27
C ASP B 207 2.42 17.62 -6.97
N ILE B 208 3.65 17.29 -6.57
CA ILE B 208 4.85 17.87 -7.15
C ILE B 208 5.07 17.34 -8.57
N TRP B 209 4.85 16.05 -8.76
CA TRP B 209 4.88 15.44 -10.09
C TRP B 209 3.88 16.11 -11.02
N SER B 210 2.65 16.33 -10.52
CA SER B 210 1.62 17.04 -11.29
C SER B 210 2.07 18.43 -11.71
N VAL B 211 2.64 19.21 -10.80
CA VAL B 211 3.15 20.52 -11.16
C VAL B 211 4.28 20.43 -12.20
N GLY B 212 5.10 19.39 -12.14
CA GLY B 212 6.11 19.14 -13.17
C GLY B 212 5.50 18.98 -14.56
N CYS B 213 4.45 18.16 -14.65
CA CYS B 213 3.73 17.90 -15.90
C CYS B 213 3.09 19.16 -16.46
N ILE B 214 2.46 19.94 -15.58
CA ILE B 214 1.88 21.23 -15.94
C ILE B 214 2.96 22.20 -16.42
N MET B 215 4.08 22.27 -15.67
CA MET B 215 5.22 23.11 -16.04
C MET B 215 5.72 22.78 -17.44
N GLY B 216 5.97 21.49 -17.68
CA GLY B 216 6.44 21.02 -18.98
C GLY B 216 5.48 21.39 -20.10
N GLU B 217 4.19 21.28 -19.82
CA GLU B 217 3.14 21.66 -20.77
C GLU B 217 3.08 23.16 -21.05
N LEU B 218 3.24 24.00 -20.02
CA LEU B 218 3.34 25.46 -20.21
C LEU B 218 4.43 25.84 -21.21
N VAL B 219 5.54 25.10 -21.17
CA VAL B 219 6.66 25.31 -22.07
C VAL B 219 6.39 24.71 -23.45
N LYS B 220 6.20 23.38 -23.50
CA LYS B 220 6.12 22.67 -24.79
C LYS B 220 4.82 22.92 -25.55
N GLY B 221 3.75 23.25 -24.84
CA GLY B 221 2.44 23.50 -25.45
C GLY B 221 1.62 22.24 -25.68
N CYS B 222 2.17 21.08 -25.30
CA CYS B 222 1.44 19.82 -25.34
C CYS B 222 1.70 18.98 -24.10
N VAL B 223 0.88 17.95 -23.88
CA VAL B 223 1.06 17.15 -22.67
C VAL B 223 2.32 16.30 -22.74
N ILE B 224 3.05 16.31 -21.63
CA ILE B 224 4.32 15.62 -21.51
C ILE B 224 4.12 14.10 -21.59
N PHE B 225 3.21 13.56 -20.79
CA PHE B 225 2.98 12.11 -20.77
C PHE B 225 1.53 11.81 -21.15
N GLN B 226 1.32 11.61 -22.45
CA GLN B 226 -0.01 11.44 -23.01
C GLN B 226 -0.20 9.98 -23.39
N GLY B 227 -0.65 9.19 -22.43
CA GLY B 227 -0.84 7.75 -22.64
C GLY B 227 -2.31 7.39 -22.69
N THR B 228 -2.60 6.21 -23.22
CA THR B 228 -3.96 5.66 -23.20
C THR B 228 -4.17 4.91 -21.89
N ASP B 229 -4.01 3.59 -21.91
CA ASP B 229 -4.20 2.82 -20.68
C ASP B 229 -3.02 3.02 -19.71
N HIS B 230 -3.12 2.48 -18.50
CA HIS B 230 -2.06 2.61 -17.50
C HIS B 230 -0.70 2.07 -17.92
N ILE B 231 -0.74 0.97 -18.67
CA ILE B 231 0.44 0.34 -19.25
C ILE B 231 1.11 1.28 -20.27
N ASP B 232 0.29 1.96 -21.07
CA ASP B 232 0.80 2.93 -22.03
C ASP B 232 1.36 4.17 -21.33
N GLN B 233 0.64 4.67 -20.33
CA GLN B 233 1.08 5.86 -19.58
C GLN B 233 2.47 5.63 -18.96
N TRP B 234 2.67 4.44 -18.39
CA TRP B 234 3.96 4.04 -17.83
C TRP B 234 5.03 3.99 -18.92
N ASN B 235 4.66 3.48 -20.10
CA ASN B 235 5.59 3.43 -21.24
C ASN B 235 6.10 4.83 -21.60
N LYS B 236 5.20 5.80 -21.59
CA LYS B 236 5.52 7.18 -21.93
C LYS B 236 6.54 7.76 -20.96
N VAL B 237 6.33 7.51 -19.67
CA VAL B 237 7.21 8.00 -18.61
C VAL B 237 8.62 7.39 -18.72
N ILE B 238 8.72 6.07 -18.86
CA ILE B 238 10.04 5.45 -18.92
C ILE B 238 10.77 5.82 -20.22
N GLU B 239 10.04 5.89 -21.32
CA GLU B 239 10.59 6.34 -22.60
C GLU B 239 11.32 7.69 -22.49
N GLN B 240 10.75 8.64 -21.74
CA GLN B 240 11.38 9.96 -21.59
C GLN B 240 12.32 10.06 -20.40
N LEU B 241 11.92 9.49 -19.26
CA LEU B 241 12.68 9.64 -18.02
C LEU B 241 13.68 8.52 -17.77
N GLY B 242 13.44 7.38 -18.40
CA GLY B 242 14.32 6.25 -18.26
C GLY B 242 13.78 5.33 -17.19
N THR B 243 14.18 4.08 -17.28
CA THR B 243 13.83 3.05 -16.33
C THR B 243 14.31 3.48 -14.95
N PRO B 244 13.44 3.38 -13.92
CA PRO B 244 13.81 3.74 -12.55
C PRO B 244 14.72 2.69 -11.90
N SER B 245 15.22 2.99 -10.70
CA SER B 245 16.16 2.12 -9.98
C SER B 245 15.53 0.76 -9.60
N ALA B 246 16.39 -0.23 -9.41
CA ALA B 246 16.00 -1.57 -8.94
C ALA B 246 15.24 -1.50 -7.62
N GLU B 247 15.70 -0.61 -6.73
CA GLU B 247 15.05 -0.39 -5.44
C GLU B 247 13.62 0.13 -5.57
N PHE B 248 13.41 1.11 -6.45
CA PHE B 248 12.06 1.61 -6.72
C PHE B 248 11.17 0.45 -7.16
N MET B 249 11.65 -0.34 -8.11
CA MET B 249 10.91 -1.46 -8.65
C MET B 249 10.66 -2.56 -7.63
N ALA B 250 11.56 -2.68 -6.66
CA ALA B 250 11.41 -3.64 -5.57
C ALA B 250 10.16 -3.38 -4.72
N ALA B 251 9.78 -2.11 -4.63
CA ALA B 251 8.63 -1.67 -3.84
C ALA B 251 7.29 -1.91 -4.52
N LEU B 252 7.29 -2.69 -5.60
CA LEU B 252 6.08 -2.93 -6.38
C LEU B 252 5.37 -4.24 -6.00
N GLN B 253 4.05 -4.26 -6.19
CA GLN B 253 3.25 -5.46 -6.01
C GLN B 253 3.62 -6.51 -7.09
N PRO B 254 3.76 -7.77 -6.68
CA PRO B 254 4.38 -8.82 -7.49
C PRO B 254 4.00 -8.87 -8.98
N THR B 255 2.71 -8.69 -9.28
CA THR B 255 2.20 -8.71 -10.66
C THR B 255 2.69 -7.50 -11.44
N VAL B 256 2.69 -6.34 -10.78
CA VAL B 256 3.18 -5.08 -11.34
C VAL B 256 4.71 -5.14 -11.46
N ARG B 257 5.38 -5.67 -10.44
CA ARG B 257 6.85 -5.75 -10.44
C ARG B 257 7.36 -6.57 -11.61
N ASN B 258 6.75 -7.73 -11.78
CA ASN B 258 7.04 -8.62 -12.90
C ASN B 258 6.95 -7.90 -14.24
N TYR B 259 5.93 -7.05 -14.40
CA TYR B 259 5.72 -6.32 -15.64
C TYR B 259 6.75 -5.20 -15.84
N VAL B 260 6.90 -4.37 -14.81
CA VAL B 260 7.86 -3.26 -14.83
C VAL B 260 9.32 -3.73 -15.01
N GLU B 261 9.68 -4.83 -14.34
CA GLU B 261 11.03 -5.40 -14.45
C GLU B 261 11.37 -5.97 -15.83
N ASN B 262 10.34 -6.31 -16.59
CA ASN B 262 10.51 -6.95 -17.90
C ASN B 262 10.26 -6.07 -19.14
N ARG B 263 10.03 -4.77 -18.91
CA ARG B 263 10.00 -3.79 -20.00
C ARG B 263 11.40 -3.58 -20.56
N PRO B 264 11.50 -3.16 -21.84
CA PRO B 264 12.82 -2.79 -22.34
C PRO B 264 13.43 -1.73 -21.42
N LYS B 265 14.72 -1.84 -21.12
CA LYS B 265 15.40 -0.84 -20.30
C LYS B 265 15.63 0.42 -21.14
N TYR B 266 15.10 1.54 -20.65
CA TYR B 266 15.30 2.82 -21.30
C TYR B 266 16.34 3.63 -20.54
N PRO B 267 17.26 4.30 -21.26
CA PRO B 267 18.24 5.13 -20.56
C PRO B 267 17.69 6.49 -20.12
N GLY B 268 16.58 6.91 -20.74
CA GLY B 268 16.01 8.23 -20.47
C GLY B 268 16.62 9.26 -21.39
N ILE B 269 15.83 10.27 -21.76
CA ILE B 269 16.36 11.36 -22.57
C ILE B 269 16.83 12.45 -21.62
N LYS B 270 18.03 12.97 -21.88
CA LYS B 270 18.56 14.08 -21.09
C LYS B 270 17.68 15.32 -21.25
N PHE B 271 17.46 16.04 -20.15
CA PHE B 271 16.56 17.20 -20.15
C PHE B 271 16.97 18.35 -21.08
N GLU B 272 18.25 18.46 -21.42
CA GLU B 272 18.73 19.42 -22.44
C GLU B 272 18.12 19.16 -23.82
N GLU B 273 17.78 17.91 -24.10
CA GLU B 273 17.12 17.54 -25.35
C GLU B 273 15.59 17.45 -25.20
N LEU B 274 15.12 16.90 -24.08
CA LEU B 274 13.69 16.87 -23.79
C LEU B 274 13.09 18.26 -23.79
N PHE B 275 13.76 19.20 -23.13
CA PHE B 275 13.33 20.58 -23.07
C PHE B 275 14.47 21.50 -23.55
N PRO B 276 14.61 21.64 -24.89
CA PRO B 276 15.71 22.39 -25.48
C PRO B 276 15.56 23.88 -25.26
N ASP B 277 16.65 24.63 -25.41
CA ASP B 277 16.66 26.08 -25.23
C ASP B 277 15.60 26.75 -26.08
N TRP B 278 15.50 26.33 -27.34
CA TRP B 278 14.65 27.01 -28.33
C TRP B 278 13.16 27.16 -27.98
N ILE B 279 12.62 26.24 -27.19
CA ILE B 279 11.19 26.30 -26.82
C ILE B 279 10.90 27.27 -25.68
N PHE B 280 11.96 27.72 -25.01
CA PHE B 280 11.87 28.68 -23.92
C PHE B 280 12.07 30.06 -24.50
N PRO B 281 11.63 31.13 -23.81
CA PRO B 281 12.06 32.48 -24.20
C PRO B 281 13.57 32.58 -24.32
N SER B 282 14.03 33.12 -25.45
CA SER B 282 15.47 33.17 -25.75
C SER B 282 15.82 34.40 -26.56
N GLU B 283 15.85 35.56 -25.89
CA GLU B 283 16.17 36.82 -26.56
C GLU B 283 17.25 37.63 -25.83
N SER B 284 17.85 37.01 -24.81
CA SER B 284 18.84 37.65 -23.95
C SER B 284 19.66 36.59 -23.21
N GLU B 285 20.69 37.06 -22.50
CA GLU B 285 21.54 36.18 -21.68
C GLU B 285 20.83 35.89 -20.36
N ARG B 286 20.02 36.85 -19.92
CA ARG B 286 19.18 36.64 -18.74
C ARG B 286 18.14 35.52 -18.95
N ASP B 287 17.55 35.45 -20.16
CA ASP B 287 16.62 34.39 -20.53
C ASP B 287 17.29 33.01 -20.54
N LYS B 288 18.56 32.99 -20.92
CA LYS B 288 19.35 31.77 -21.02
C LYS B 288 19.58 31.18 -19.63
N ILE B 289 19.92 32.04 -18.68
CA ILE B 289 20.02 31.67 -17.26
C ILE B 289 18.70 31.10 -16.73
N LYS B 290 17.61 31.83 -16.93
CA LYS B 290 16.28 31.39 -16.46
C LYS B 290 15.83 30.05 -17.06
N THR B 291 16.17 29.83 -18.33
CA THR B 291 15.88 28.56 -19.01
C THR B 291 16.62 27.41 -18.35
N SER B 292 17.88 27.64 -17.98
CA SER B 292 18.68 26.63 -17.29
C SER B 292 18.09 26.28 -15.91
N GLN B 293 17.59 27.30 -15.20
CA GLN B 293 16.92 27.11 -13.90
C GLN B 293 15.60 26.33 -14.06
N ALA B 294 14.80 26.72 -15.05
CA ALA B 294 13.54 26.05 -15.38
C ALA B 294 13.74 24.57 -15.69
N ARG B 295 14.74 24.28 -16.53
CA ARG B 295 15.06 22.91 -16.91
C ARG B 295 15.53 22.09 -15.70
N ASP B 296 16.39 22.67 -14.86
CA ASP B 296 16.84 22.00 -13.65
C ASP B 296 15.68 21.67 -12.69
N LEU B 297 14.79 22.64 -12.46
CA LEU B 297 13.59 22.41 -11.61
C LEU B 297 12.70 21.33 -12.19
N LEU B 298 12.50 21.36 -13.51
CA LEU B 298 11.77 20.31 -14.21
C LEU B 298 12.39 18.93 -13.98
N SER B 299 13.72 18.85 -14.06
CA SER B 299 14.44 17.58 -13.84
C SER B 299 14.25 17.01 -12.44
N LYS B 300 13.95 17.89 -11.49
CA LYS B 300 13.78 17.54 -10.09
C LYS B 300 12.33 17.22 -9.66
N MET B 301 11.34 17.75 -10.40
CA MET B 301 9.93 17.44 -10.13
C MET B 301 9.49 16.18 -10.89
N LEU B 302 10.04 15.99 -12.09
CA LEU B 302 9.74 14.81 -12.92
C LEU B 302 10.72 13.68 -12.65
N VAL B 303 10.68 13.21 -11.41
CA VAL B 303 11.45 12.08 -10.93
C VAL B 303 10.44 10.97 -10.60
N ILE B 304 10.64 9.81 -11.21
CA ILE B 304 9.74 8.66 -11.01
C ILE B 304 9.65 8.24 -9.54
N ASP B 305 10.79 8.15 -8.86
CA ASP B 305 10.84 7.71 -7.46
C ASP B 305 10.52 8.89 -6.56
N PRO B 306 9.38 8.84 -5.86
CA PRO B 306 8.95 9.96 -5.00
C PRO B 306 9.92 10.28 -3.84
N ASP B 307 10.69 9.29 -3.40
CA ASP B 307 11.73 9.51 -2.39
C ASP B 307 12.88 10.37 -2.91
N LYS B 308 13.03 10.45 -4.22
CA LYS B 308 14.09 11.23 -4.83
C LYS B 308 13.58 12.55 -5.41
N ARG B 309 12.26 12.71 -5.41
CA ARG B 309 11.59 13.89 -5.99
C ARG B 309 11.67 15.10 -5.05
N ILE B 310 11.87 16.27 -5.65
CA ILE B 310 11.92 17.53 -4.90
C ILE B 310 10.63 17.76 -4.12
N SER B 311 10.76 18.32 -2.91
CA SER B 311 9.61 18.65 -2.08
C SER B 311 9.12 20.04 -2.43
N VAL B 312 7.91 20.38 -1.98
CA VAL B 312 7.33 21.71 -2.22
C VAL B 312 8.22 22.83 -1.67
N ASP B 313 8.61 22.71 -0.39
CA ASP B 313 9.52 23.66 0.28
C ASP B 313 10.86 23.83 -0.44
N GLU B 314 11.45 22.73 -0.88
CA GLU B 314 12.67 22.76 -1.68
C GLU B 314 12.42 23.45 -3.01
N ALA B 315 11.30 23.13 -3.66
CA ALA B 315 10.92 23.79 -4.92
C ALA B 315 10.75 25.30 -4.77
N LEU B 316 10.10 25.74 -3.69
CA LEU B 316 9.97 27.18 -3.42
C LEU B 316 11.31 27.88 -3.19
N ARG B 317 12.33 27.10 -2.78
CA ARG B 317 13.70 27.62 -2.63
C ARG B 317 14.55 27.55 -3.89
N HIS B 318 14.02 26.95 -4.96
CA HIS B 318 14.77 26.85 -6.22
C HIS B 318 15.00 28.24 -6.83
N PRO B 319 16.19 28.46 -7.44
CA PRO B 319 16.53 29.75 -8.06
C PRO B 319 15.50 30.28 -9.05
N TYR B 320 14.83 29.39 -9.78
CA TYR B 320 13.75 29.76 -10.69
C TYR B 320 12.54 30.39 -9.97
N ILE B 321 12.25 29.89 -8.77
CA ILE B 321 11.05 30.23 -8.01
C ILE B 321 11.33 31.22 -6.87
N THR B 322 12.47 31.03 -6.19
CA THR B 322 12.77 31.75 -4.96
C THR B 322 12.88 33.27 -5.12
N VAL B 323 13.05 33.74 -6.36
CA VAL B 323 13.09 35.17 -6.65
C VAL B 323 11.79 35.90 -6.26
N TRP B 324 10.67 35.17 -6.28
CA TRP B 324 9.37 35.72 -5.88
C TRP B 324 9.10 35.55 -4.39
N TYR B 325 9.91 34.74 -3.70
CA TYR B 325 9.56 34.28 -2.36
C TYR B 325 9.20 35.37 -1.35
N ASP B 326 7.98 35.28 -0.82
CA ASP B 326 7.51 36.16 0.25
C ASP B 326 7.02 35.23 1.35
N PRO B 327 7.57 35.35 2.58
CA PRO B 327 7.19 34.50 3.71
C PRO B 327 5.71 34.69 4.06
N ALA B 328 5.20 35.89 3.82
CA ALA B 328 3.80 36.22 4.09
C ALA B 328 2.86 35.43 3.21
N GLU B 329 3.33 35.00 2.05
CA GLU B 329 2.54 34.23 1.10
C GLU B 329 2.79 32.74 1.23
N ALA B 330 4.08 32.38 1.27
CA ALA B 330 4.50 30.99 1.15
C ALA B 330 4.41 30.25 2.47
N GLU B 331 4.36 31.01 3.57
CA GLU B 331 4.29 30.43 4.91
C GLU B 331 3.01 30.76 5.67
N ALA B 332 1.97 31.21 4.95
CA ALA B 332 0.68 31.52 5.56
C ALA B 332 0.01 30.23 6.05
N PRO B 333 -0.37 30.19 7.34
CA PRO B 333 -0.84 28.91 7.86
C PRO B 333 -2.31 28.65 7.57
N PRO B 334 -2.69 27.37 7.44
CA PRO B 334 -4.11 27.02 7.41
C PRO B 334 -4.74 27.29 8.77
N PRO B 335 -6.03 27.68 8.80
CA PRO B 335 -6.70 27.83 10.09
C PRO B 335 -6.69 26.52 10.87
N GLN B 336 -6.61 25.41 10.16
CA GLN B 336 -6.86 24.12 10.75
C GLN B 336 -6.33 23.00 9.87
N ILE B 337 -5.97 21.87 10.47
CA ILE B 337 -5.59 20.69 9.68
C ILE B 337 -6.79 19.75 9.53
N TYR B 338 -7.05 19.34 8.29
CA TYR B 338 -8.14 18.41 7.98
C TYR B 338 -8.04 17.13 8.79
N ASP B 339 -9.13 16.75 9.45
CA ASP B 339 -9.19 15.57 10.31
C ASP B 339 -9.95 14.44 9.65
N ALA B 340 -9.27 13.64 8.84
CA ALA B 340 -9.88 12.52 8.10
C ALA B 340 -10.49 11.46 9.01
N GLN B 341 -9.74 11.03 10.02
CA GLN B 341 -10.22 10.03 11.00
C GLN B 341 -11.59 10.40 11.59
N LEU B 342 -11.76 11.68 11.93
CA LEU B 342 -13.03 12.16 12.48
C LEU B 342 -14.04 12.45 11.38
N GLU B 343 -13.54 12.89 10.22
CA GLU B 343 -14.39 13.45 9.18
C GLU B 343 -15.01 12.46 8.20
N GLU B 344 -14.41 11.27 8.10
CA GLU B 344 -14.96 10.23 7.23
C GLU B 344 -15.42 8.99 7.98
N ARG B 345 -16.16 9.22 9.06
CA ARG B 345 -16.90 8.17 9.74
C ARG B 345 -18.21 7.92 8.98
N GLU B 346 -18.75 6.71 9.12
CA GLU B 346 -20.07 6.38 8.57
C GLU B 346 -21.16 7.09 9.38
N HIS B 347 -22.23 7.49 8.69
CA HIS B 347 -23.36 8.18 9.30
C HIS B 347 -24.65 7.77 8.61
N ALA B 348 -25.76 7.81 9.36
CA ALA B 348 -27.08 7.69 8.77
C ALA B 348 -27.37 8.92 7.91
N ILE B 349 -28.23 8.76 6.92
CA ILE B 349 -28.53 9.82 5.96
C ILE B 349 -29.19 11.07 6.58
N GLU B 350 -29.98 10.87 7.64
CA GLU B 350 -30.57 11.98 8.37
C GLU B 350 -29.52 12.68 9.23
N GLU B 351 -28.43 11.98 9.55
CA GLU B 351 -27.33 12.55 10.33
C GLU B 351 -26.39 13.40 9.46
N TRP B 352 -26.13 12.95 8.24
CA TRP B 352 -25.37 13.74 7.25
C TRP B 352 -26.09 15.06 6.99
N LYS B 353 -27.42 14.99 6.88
CA LYS B 353 -28.23 16.15 6.61
C LYS B 353 -28.02 17.23 7.67
N GLU B 354 -27.98 16.82 8.93
CA GLU B 354 -27.77 17.75 10.04
C GLU B 354 -26.35 18.33 10.04
N LEU B 355 -25.36 17.45 9.85
CA LEU B 355 -23.94 17.86 9.73
C LEU B 355 -23.71 18.88 8.63
N ILE B 356 -24.24 18.59 7.44
CA ILE B 356 -24.15 19.48 6.28
C ILE B 356 -24.86 20.80 6.59
N TYR B 357 -26.08 20.69 7.07
CA TYR B 357 -26.89 21.84 7.48
C TYR B 357 -26.17 22.75 8.47
N LYS B 358 -25.50 22.13 9.43
CA LYS B 358 -24.78 22.88 10.44
C LYS B 358 -23.46 23.49 9.96
N GLU B 359 -22.85 22.90 8.93
CA GLU B 359 -21.70 23.51 8.26
C GLU B 359 -22.10 24.80 7.52
N VAL B 360 -23.30 24.80 6.95
CA VAL B 360 -23.85 25.99 6.30
C VAL B 360 -24.13 27.08 7.35
N MET B 361 -24.87 26.68 8.40
CA MET B 361 -25.23 27.54 9.52
C MET B 361 -24.03 28.17 10.22
N ASP B 362 -22.95 27.39 10.35
CA ASP B 362 -21.75 27.82 11.08
C ASP B 362 -20.83 28.74 10.29
N TRP B 363 -20.96 28.71 8.96
CA TRP B 363 -20.11 29.48 8.06
C TRP B 363 -20.27 30.99 8.29
C1 B96 C . -1.64 -18.82 11.63
O1 B96 C . -0.68 -18.38 11.02
N2 B96 C . -2.90 -18.51 11.25
C3 B96 C . -3.21 -17.75 10.11
C4 B96 C . -4.07 -16.65 10.14
C5 B96 C . -4.35 -15.94 8.92
C6 B96 C . -3.75 -16.38 7.70
C31 B96 C . -4.66 -16.21 11.34
C32 B96 C . -5.48 -15.14 11.33
C33 B96 C . -5.76 -14.46 10.15
C34 B96 C . -5.21 -14.83 8.96
C7 B96 C . -2.92 -17.47 7.71
C8 B96 C . -2.66 -18.15 8.89
N9 B96 C . -1.49 -19.63 12.69
C10 B96 C . -0.29 -20.13 13.21
C14 B96 C . 0.90 -19.47 13.41
C13 B96 C . 1.82 -20.40 13.95
N12 B96 C . 1.23 -21.55 14.05
N11 B96 C . -0.08 -21.42 13.59
C15 B96 C . -0.98 -22.49 13.58
C17 B96 C . 3.27 -19.49 15.71
C18 B96 C . 4.01 -21.49 14.37
C19 B96 C . 3.95 -19.25 13.30
C16 B96 C . 3.25 -20.15 14.33
C20 B96 C . -0.99 -23.35 14.68
C21 B96 C . -1.84 -24.44 14.70
C22 B96 C . -2.66 -24.68 13.60
C23 B96 C . -2.64 -23.83 12.50
C24 B96 C . -1.80 -22.73 12.49
C25 B96 C . -3.60 -25.86 13.63
O41 B96 C . -4.05 -15.69 6.56
C42 B96 C . -3.21 -16.02 5.44
C43 B96 C . -3.46 -14.95 4.36
N44 B96 C . -2.39 -13.95 4.31
C45 B96 C . -2.40 -13.17 5.56
C46 B96 C . -1.31 -12.09 5.49
O47 B96 C . -1.66 -11.19 4.45
C48 B96 C . -1.67 -11.88 3.19
C49 B96 C . -2.70 -13.02 3.20
C1 B96 D . -14.15 23.42 -5.25
O1 B96 D . -13.16 23.86 -5.82
N2 B96 D . -15.41 23.81 -5.63
C3 B96 D . -15.66 24.65 -6.72
C4 B96 D . -16.48 25.81 -6.62
C5 B96 D . -16.71 26.60 -7.78
C6 B96 D . -16.11 26.22 -9.03
C31 B96 D . -17.08 26.20 -5.40
C32 B96 D . -17.85 27.32 -5.34
C33 B96 D . -18.07 28.11 -6.48
C34 B96 D . -17.52 27.77 -7.68
C7 B96 D . -15.33 25.10 -9.09
C8 B96 D . -15.12 24.31 -7.96
N9 B96 D . -14.04 22.57 -4.22
C10 B96 D . -12.84 22.05 -3.73
C14 B96 D . -11.65 22.68 -3.49
C13 B96 D . -10.75 21.73 -3.00
N12 B96 D . -11.36 20.57 -2.95
N11 B96 D . -12.66 20.74 -3.41
C15 B96 D . -13.59 19.70 -3.47
C17 B96 D . -9.33 22.57 -1.19
C18 B96 D . -8.55 20.63 -2.53
C19 B96 D . -8.62 22.86 -3.60
C16 B96 D . -9.31 21.95 -2.59
C20 B96 D . -13.66 18.82 -2.39
C21 B96 D . -14.57 17.79 -2.44
C22 B96 D . -15.40 17.64 -3.55
C23 B96 D . -15.32 18.52 -4.61
C24 B96 D . -14.41 19.55 -4.58
C25 B96 D . -16.39 16.51 -3.58
O41 B96 D . -16.34 26.99 -10.14
C42 B96 D . -15.67 26.54 -11.32
C43 B96 D . -15.87 27.63 -12.40
N44 B96 D . -14.76 28.63 -12.35
C45 B96 D . -14.80 29.35 -11.07
C46 B96 D . -13.63 30.34 -11.05
O47 B96 D . -13.86 31.30 -12.09
C48 B96 D . -13.87 30.65 -13.37
C49 B96 D . -15.01 29.63 -13.41
#